data_7NB3
#
_entry.id   7NB3
#
_cell.length_a   55.926
_cell.length_b   120.199
_cell.length_c   131.187
_cell.angle_alpha   90.000
_cell.angle_beta   90.000
_cell.angle_gamma   90.000
#
_symmetry.space_group_name_H-M   'P 21 21 21'
#
loop_
_entity.id
_entity.type
_entity.pdbx_description
1 polymer 'Choline kinase alpha'
2 non-polymer 4-(6-azanyl-2-pyridin-4-yl-purin-9-yl)-~{N}-(3-methoxyphenyl)cyclohexane-1-carboxamide
3 non-polymer 'MAGNESIUM ION'
4 non-polymer '4-(2-HYDROXYETHYL)-1-PIPERAZINE ETHANESULFONIC ACID'
5 water water
#
_entity_poly.entity_id   1
_entity_poly.type   'polypeptide(L)'
_entity_poly.pdbx_seq_one_letter_code
;GPQPPADEQPEPRTRRRAYLWCKEFLPGAWRGLREDEFHISVIRGGLSNMLFQCSLPDTTATLGDEPRKVLLRLYGAILQ
MRSCNKEGSEQAQKENEFQGAEAMVLESVMFAILAERSLGPKLYGIFPQGRLEQFIPSRRLDTEELSLPDISAEIAEKMA
TFHGMKMPFNKEPKWLFGTMEKYLKEVLRIKFTEESRIKKLHKLLSYNLPLELENLRSLLESTPSPVVFCHNDCQEGNIL
LLEGRENSEKQKLMLIDFEYSSYNYRGFDIGNHFCEWMYDYSYEKYPFFRANIRKYPTKKQQLHFISSYLPAFQNDFENL
STEEKSIIKEEMLLEVNRFALASHFLWGLWSIVQAKISSIEFGYMDYAQARFDAYFHQKRKLGV
;
_entity_poly.pdbx_strand_id   AAA,BBB
#
# COMPACT_ATOMS: atom_id res chain seq x y z
N PRO A 12 26.12 -13.55 7.36
CA PRO A 12 25.45 -14.85 7.57
C PRO A 12 24.76 -15.41 6.31
N ARG A 13 23.74 -16.25 6.53
CA ARG A 13 22.75 -16.60 5.52
C ARG A 13 21.97 -15.32 5.18
N THR A 14 21.51 -14.64 6.24
CA THR A 14 20.87 -13.33 6.20
C THR A 14 21.54 -12.45 5.14
N ARG A 15 22.86 -12.54 5.05
CA ARG A 15 23.61 -11.69 4.14
C ARG A 15 23.20 -11.99 2.69
N ARG A 16 23.05 -13.28 2.37
CA ARG A 16 22.71 -13.73 1.02
C ARG A 16 21.33 -13.16 0.64
N ARG A 17 20.33 -13.52 1.45
CA ARG A 17 18.94 -13.11 1.33
C ARG A 17 18.86 -11.62 1.00
N ALA A 18 19.61 -10.81 1.76
CA ALA A 18 19.59 -9.37 1.63
C ALA A 18 20.19 -8.99 0.27
N TYR A 19 21.24 -9.70 -0.13
CA TYR A 19 21.84 -9.50 -1.43
C TYR A 19 20.79 -9.81 -2.51
N LEU A 20 19.99 -10.86 -2.31
CA LEU A 20 19.06 -11.26 -3.34
C LEU A 20 17.98 -10.17 -3.50
N TRP A 21 17.41 -9.74 -2.36
CA TRP A 21 16.47 -8.62 -2.30
C TRP A 21 16.98 -7.41 -3.06
N CYS A 22 18.22 -7.01 -2.80
CA CYS A 22 18.71 -5.84 -3.50
C CYS A 22 18.87 -6.14 -4.99
N LYS A 23 19.38 -7.34 -5.30
CA LYS A 23 19.68 -7.68 -6.69
C LYS A 23 18.38 -7.72 -7.51
N GLU A 24 17.37 -8.37 -6.95
CA GLU A 24 16.11 -8.60 -7.65
C GLU A 24 15.20 -7.34 -7.68
N PHE A 25 15.23 -6.47 -6.65
CA PHE A 25 14.26 -5.40 -6.53
C PHE A 25 14.78 -4.05 -6.99
N LEU A 26 16.11 -3.90 -7.00
CA LEU A 26 16.68 -2.60 -7.34
C LEU A 26 17.16 -2.55 -8.79
N PRO A 27 16.88 -1.44 -9.53
CA PRO A 27 17.27 -1.28 -10.94
C PRO A 27 18.77 -1.07 -11.20
N GLY A 28 19.13 -1.12 -12.48
CA GLY A 28 20.45 -0.75 -12.98
C GLY A 28 21.56 -1.59 -12.37
N ALA A 29 22.61 -0.91 -11.90
CA ALA A 29 23.84 -1.58 -11.52
C ALA A 29 23.56 -2.77 -10.62
N TRP A 30 22.49 -2.67 -9.82
CA TRP A 30 22.14 -3.67 -8.82
C TRP A 30 21.75 -5.00 -9.47
N ARG A 31 21.13 -4.92 -10.66
CA ARG A 31 20.54 -6.11 -11.29
C ARG A 31 21.64 -7.13 -11.53
N GLY A 32 22.72 -6.66 -12.17
CA GLY A 32 23.87 -7.51 -12.45
C GLY A 32 24.98 -7.28 -11.43
N LEU A 33 24.74 -7.74 -10.20
CA LEU A 33 25.69 -7.56 -9.12
C LEU A 33 25.97 -8.94 -8.54
N ARG A 34 27.23 -9.17 -8.15
CA ARG A 34 27.66 -10.46 -7.61
C ARG A 34 27.63 -10.37 -6.08
N GLU A 35 27.58 -11.55 -5.44
CA GLU A 35 27.50 -11.70 -4.00
C GLU A 35 28.75 -11.16 -3.30
N ASP A 36 29.88 -11.16 -4.02
CA ASP A 36 31.17 -10.76 -3.48
C ASP A 36 31.39 -9.27 -3.73
N GLU A 37 30.30 -8.51 -3.89
CA GLU A 37 30.39 -7.08 -4.11
C GLU A 37 29.38 -6.36 -3.21
N PHE A 38 28.60 -7.14 -2.44
CA PHE A 38 27.48 -6.63 -1.66
C PHE A 38 27.98 -6.07 -0.33
N HIS A 39 27.69 -4.79 -0.08
CA HIS A 39 28.05 -4.14 1.18
C HIS A 39 26.81 -3.90 2.04
N ILE A 40 26.64 -4.72 3.09
CA ILE A 40 25.58 -4.52 4.06
C ILE A 40 26.20 -4.30 5.45
N SER A 41 25.67 -3.31 6.18
CA SER A 41 26.01 -3.14 7.59
C SER A 41 24.77 -2.88 8.43
N VAL A 42 24.80 -3.35 9.69
CA VAL A 42 23.72 -3.12 10.65
C VAL A 42 23.68 -1.64 11.02
N ILE A 43 22.45 -1.12 11.26
CA ILE A 43 22.23 0.22 11.78
C ILE A 43 21.55 0.03 13.14
N ARG A 44 20.61 -0.90 13.19
CA ARG A 44 19.93 -1.28 14.41
C ARG A 44 19.65 -2.78 14.34
N GLY A 45 20.27 -3.56 15.26
CA GLY A 45 20.02 -4.99 15.38
C GLY A 45 18.81 -5.29 16.28
N GLY A 46 18.77 -6.51 16.86
CA GLY A 46 17.64 -6.96 17.64
C GLY A 46 16.81 -8.03 16.92
N LEU A 47 15.54 -8.17 17.32
CA LEU A 47 14.67 -9.28 16.94
C LEU A 47 13.50 -8.79 16.08
N SER A 48 13.18 -7.49 16.18
CA SER A 48 12.12 -6.86 15.41
C SER A 48 12.66 -5.59 14.76
N ASN A 49 12.12 -5.24 13.59
CA ASN A 49 12.38 -3.97 12.92
C ASN A 49 13.87 -3.64 12.82
N MET A 50 14.68 -4.65 12.52
CA MET A 50 16.10 -4.46 12.28
C MET A 50 16.29 -3.62 11.02
N LEU A 51 17.37 -2.81 11.02
CA LEU A 51 17.68 -1.82 10.01
C LEU A 51 19.12 -2.02 9.57
N PHE A 52 19.33 -1.99 8.25
CA PHE A 52 20.64 -2.24 7.67
C PHE A 52 20.82 -1.25 6.54
N GLN A 53 22.07 -0.89 6.29
CA GLN A 53 22.47 -0.08 5.17
C GLN A 53 23.03 -1.03 4.10
N CYS A 54 22.58 -0.89 2.84
CA CYS A 54 23.09 -1.73 1.76
C CYS A 54 23.58 -0.82 0.64
N SER A 55 24.72 -1.13 0.03
CA SER A 55 25.30 -0.18 -0.93
C SER A 55 26.12 -0.89 -2.00
N LEU A 56 26.14 -0.26 -3.19
CA LEU A 56 27.00 -0.64 -4.29
C LEU A 56 28.44 -0.43 -3.87
N PRO A 57 29.43 -1.17 -4.45
CA PRO A 57 30.84 -0.78 -4.34
C PRO A 57 31.03 0.68 -4.79
N ASP A 58 31.90 1.40 -4.06
CA ASP A 58 32.30 2.75 -4.40
C ASP A 58 32.82 2.78 -5.84
N THR A 59 33.25 1.61 -6.32
CA THR A 59 33.93 1.43 -7.59
C THR A 59 32.95 1.29 -8.76
N THR A 60 31.72 0.80 -8.49
CA THR A 60 30.73 0.50 -9.52
C THR A 60 29.94 1.75 -9.88
N ALA A 61 29.86 2.06 -11.18
CA ALA A 61 29.11 3.21 -11.68
C ALA A 61 27.64 2.86 -11.82
N THR A 62 26.81 3.91 -11.94
CA THR A 62 25.36 3.75 -11.90
C THR A 62 24.79 3.94 -13.29
N LEU A 63 24.00 2.95 -13.72
CA LEU A 63 23.46 2.91 -15.06
C LEU A 63 22.51 4.08 -15.29
N GLY A 64 21.57 4.32 -14.37
CA GLY A 64 20.56 5.34 -14.56
C GLY A 64 20.33 6.17 -13.30
N ASP A 65 19.16 5.98 -12.70
CA ASP A 65 18.74 6.78 -11.56
C ASP A 65 18.88 6.00 -10.27
N GLU A 66 19.29 4.72 -10.38
CA GLU A 66 19.27 3.83 -9.23
C GLU A 66 20.08 4.48 -8.10
N PRO A 67 19.69 4.27 -6.82
CA PRO A 67 20.50 4.73 -5.68
C PRO A 67 21.72 3.84 -5.43
N ARG A 68 22.75 4.44 -4.84
CA ARG A 68 23.97 3.72 -4.53
C ARG A 68 23.83 3.07 -3.16
N LYS A 69 22.93 3.63 -2.34
CA LYS A 69 22.72 3.10 -0.99
C LYS A 69 21.22 3.05 -0.68
N VAL A 70 20.79 1.98 0.01
CA VAL A 70 19.40 1.82 0.44
C VAL A 70 19.42 1.33 1.88
N LEU A 71 18.26 1.50 2.52
CA LEU A 71 18.07 0.98 3.85
C LEU A 71 17.13 -0.21 3.71
N LEU A 72 17.52 -1.32 4.36
CA LEU A 72 16.70 -2.51 4.45
C LEU A 72 16.09 -2.56 5.85
N ARG A 73 14.76 -2.69 5.91
CA ARG A 73 14.06 -2.91 7.16
C ARG A 73 13.48 -4.32 7.17
N LEU A 74 13.76 -5.07 8.25
CA LEU A 74 13.27 -6.43 8.38
C LEU A 74 12.25 -6.48 9.52
N TYR A 75 11.07 -7.04 9.26
CA TYR A 75 10.00 -7.05 10.24
C TYR A 75 10.36 -7.88 11.49
N GLY A 76 11.24 -8.89 11.34
CA GLY A 76 11.60 -9.77 12.44
C GLY A 76 10.38 -10.52 13.00
N ALA A 77 9.90 -10.10 14.20
CA ALA A 77 8.72 -10.71 14.81
C ALA A 77 7.77 -9.62 15.34
N ALA A 103 -2.56 -5.50 9.96
CA ALA A 103 -1.79 -4.29 10.38
C ALA A 103 -0.47 -4.18 9.59
N MET A 104 -0.05 -5.30 8.98
CA MET A 104 1.05 -5.32 8.02
CA MET A 104 1.06 -5.33 8.03
C MET A 104 0.64 -4.64 6.72
N VAL A 105 -0.56 -4.98 6.23
CA VAL A 105 -1.14 -4.32 5.06
C VAL A 105 -1.24 -2.83 5.32
N LEU A 106 -1.76 -2.43 6.50
CA LEU A 106 -1.98 -1.02 6.76
C LEU A 106 -0.67 -0.24 6.70
N GLU A 107 0.35 -0.74 7.40
CA GLU A 107 1.57 0.04 7.55
C GLU A 107 2.26 0.20 6.19
N SER A 108 2.16 -0.85 5.36
CA SER A 108 2.77 -0.87 4.04
C SER A 108 2.09 0.14 3.13
N VAL A 109 0.75 0.16 3.15
CA VAL A 109 -0.05 1.08 2.35
C VAL A 109 0.34 2.50 2.74
N MET A 110 0.45 2.74 4.05
CA MET A 110 0.70 4.10 4.51
C MET A 110 2.11 4.55 4.09
N PHE A 111 3.09 3.67 4.27
CA PHE A 111 4.44 4.01 3.88
C PHE A 111 4.49 4.32 2.38
N ALA A 112 3.77 3.54 1.57
CA ALA A 112 3.81 3.72 0.10
C ALA A 112 3.17 5.06 -0.24
N ILE A 113 2.08 5.37 0.46
CA ILE A 113 1.35 6.59 0.18
C ILE A 113 2.25 7.77 0.53
N LEU A 114 2.88 7.73 1.71
CA LEU A 114 3.77 8.83 2.09
C LEU A 114 4.93 8.96 1.12
N ALA A 115 5.47 7.84 0.62
CA ALA A 115 6.53 7.91 -0.41
C ALA A 115 6.04 8.61 -1.67
N GLU A 116 4.86 8.21 -2.18
CA GLU A 116 4.30 8.84 -3.38
C GLU A 116 4.19 10.36 -3.21
N ARG A 117 3.88 10.82 -1.99
CA ARG A 117 3.54 12.21 -1.72
C ARG A 117 4.78 13.00 -1.26
N SER A 118 5.98 12.38 -1.32
CA SER A 118 7.21 13.03 -0.89
C SER A 118 7.18 13.50 0.57
N LEU A 119 6.53 12.75 1.46
CA LEU A 119 6.55 13.06 2.89
C LEU A 119 7.27 11.95 3.66
N GLY A 120 7.97 11.09 2.93
CA GLY A 120 8.69 9.99 3.57
C GLY A 120 9.74 9.44 2.61
N PRO A 121 10.60 8.50 3.06
CA PRO A 121 11.58 7.88 2.17
C PRO A 121 10.80 7.14 1.08
N LYS A 122 11.36 7.13 -0.13
CA LYS A 122 10.85 6.32 -1.23
C LYS A 122 10.81 4.85 -0.87
N LEU A 123 9.85 4.13 -1.47
CA LEU A 123 9.75 2.69 -1.29
C LEU A 123 10.33 2.03 -2.54
N TYR A 124 11.45 1.30 -2.40
CA TYR A 124 12.06 0.65 -3.55
C TYR A 124 11.63 -0.82 -3.62
N GLY A 125 11.25 -1.42 -2.51
CA GLY A 125 10.93 -2.83 -2.61
C GLY A 125 10.11 -3.27 -1.42
N ILE A 126 9.17 -4.19 -1.66
CA ILE A 126 8.37 -4.69 -0.55
C ILE A 126 8.19 -6.20 -0.68
N PHE A 127 8.24 -6.89 0.46
CA PHE A 127 8.25 -8.35 0.45
C PHE A 127 7.85 -8.86 1.83
N PRO A 128 7.53 -10.17 1.99
CA PRO A 128 7.02 -10.65 3.28
C PRO A 128 7.90 -10.24 4.46
N GLN A 129 9.23 -10.33 4.28
CA GLN A 129 10.17 -10.19 5.38
C GLN A 129 10.39 -8.74 5.77
N GLY A 130 10.08 -7.79 4.87
CA GLY A 130 10.43 -6.40 5.09
C GLY A 130 10.44 -5.59 3.80
N ARG A 131 11.23 -4.51 3.80
CA ARG A 131 11.18 -3.61 2.66
C ARG A 131 12.53 -2.93 2.45
N LEU A 132 12.72 -2.41 1.23
CA LEU A 132 13.85 -1.59 0.87
C LEU A 132 13.37 -0.15 0.73
N GLU A 133 13.97 0.75 1.54
CA GLU A 133 13.62 2.16 1.49
C GLU A 133 14.84 2.96 1.03
N GLN A 134 14.55 4.18 0.60
CA GLN A 134 15.55 5.16 0.28
C GLN A 134 16.36 5.46 1.54
N PHE A 135 17.68 5.59 1.37
CA PHE A 135 18.56 6.02 2.43
C PHE A 135 18.70 7.53 2.30
N ILE A 136 18.20 8.23 3.33
CA ILE A 136 18.24 9.68 3.37
C ILE A 136 19.49 10.08 4.13
N PRO A 137 20.48 10.78 3.51
CA PRO A 137 21.64 11.24 4.27
C PRO A 137 21.14 12.25 5.31
N SER A 138 21.37 11.91 6.58
CA SER A 138 20.79 12.67 7.67
C SER A 138 21.27 12.11 9.00
N ARG A 139 20.90 12.78 10.11
CA ARG A 139 20.98 12.16 11.43
C ARG A 139 19.66 12.42 12.18
N ARG A 140 19.41 11.66 13.26
CA ARG A 140 18.25 11.90 14.09
C ARG A 140 18.52 13.14 14.93
N LEU A 141 17.47 13.87 15.32
CA LEU A 141 17.62 14.93 16.30
C LEU A 141 17.93 14.34 17.68
N ASP A 142 18.59 15.15 18.51
CA ASP A 142 18.80 14.91 19.93
C ASP A 142 17.68 15.61 20.67
N THR A 143 17.48 15.21 21.95
CA THR A 143 16.38 15.74 22.76
C THR A 143 16.43 17.25 22.92
N GLU A 144 17.64 17.78 23.14
CA GLU A 144 17.79 19.21 23.43
C GLU A 144 17.48 20.03 22.17
N GLU A 145 17.55 19.43 20.98
CA GLU A 145 17.29 20.18 19.76
C GLU A 145 15.80 20.48 19.57
N LEU A 146 14.94 19.72 20.24
CA LEU A 146 13.50 19.91 20.10
C LEU A 146 13.12 21.31 20.54
N SER A 147 13.93 21.93 21.41
CA SER A 147 13.52 23.22 21.96
C SER A 147 14.07 24.41 21.18
N LEU A 148 15.00 24.17 20.25
CA LEU A 148 15.50 25.23 19.38
C LEU A 148 14.35 25.87 18.57
N PRO A 149 14.20 27.21 18.59
CA PRO A 149 13.05 27.87 17.94
C PRO A 149 12.73 27.42 16.52
N ASP A 150 13.76 27.34 15.66
CA ASP A 150 13.53 26.99 14.28
C ASP A 150 13.21 25.51 14.12
N ILE A 151 13.85 24.65 14.92
CA ILE A 151 13.49 23.24 14.86
C ILE A 151 12.03 23.08 15.26
N SER A 152 11.65 23.64 16.41
CA SER A 152 10.31 23.49 16.96
C SER A 152 9.26 23.98 15.95
N ALA A 153 9.48 25.16 15.35
CA ALA A 153 8.58 25.74 14.33
C ALA A 153 8.41 24.79 13.15
N GLU A 154 9.50 24.19 12.66
CA GLU A 154 9.38 23.27 11.55
C GLU A 154 8.65 21.98 11.96
N ILE A 155 8.91 21.51 13.18
CA ILE A 155 8.21 20.30 13.58
C ILE A 155 6.71 20.60 13.58
N ALA A 156 6.34 21.79 14.07
CA ALA A 156 4.93 22.14 14.16
C ALA A 156 4.30 22.17 12.76
N GLU A 157 5.08 22.66 11.78
CA GLU A 157 4.61 22.85 10.42
C GLU A 157 4.42 21.48 9.75
N LYS A 158 5.42 20.59 9.91
CA LYS A 158 5.38 19.21 9.42
C LYS A 158 4.19 18.47 10.04
N MET A 159 3.98 18.64 11.35
CA MET A 159 2.88 17.96 12.01
C MET A 159 1.54 18.50 11.48
N ALA A 160 1.40 19.82 11.41
CA ALA A 160 0.24 20.41 10.76
C ALA A 160 -0.01 19.81 9.38
N THR A 161 1.04 19.63 8.57
CA THR A 161 0.88 19.03 7.24
C THR A 161 0.34 17.61 7.33
N PHE A 162 0.99 16.76 8.14
CA PHE A 162 0.61 15.36 8.34
C PHE A 162 -0.86 15.36 8.78
N HIS A 163 -1.23 16.28 9.68
CA HIS A 163 -2.54 16.28 10.29
C HIS A 163 -3.62 16.63 9.27
N GLY A 164 -3.24 17.32 8.18
CA GLY A 164 -4.26 17.81 7.26
C GLY A 164 -4.53 16.85 6.10
N MET A 165 -3.82 15.73 6.06
CA MET A 165 -3.94 14.91 4.87
C MET A 165 -4.90 13.74 5.05
N LYS A 166 -5.42 13.26 3.91
CA LYS A 166 -6.42 12.20 3.90
C LYS A 166 -5.69 10.87 3.77
N MET A 167 -6.13 9.88 4.55
CA MET A 167 -5.56 8.55 4.48
C MET A 167 -6.71 7.56 4.52
N PRO A 168 -6.57 6.39 3.86
CA PRO A 168 -7.67 5.43 3.75
C PRO A 168 -7.89 4.62 5.01
N PHE A 169 -7.83 5.30 6.17
CA PHE A 169 -7.96 4.60 7.43
C PHE A 169 -9.18 5.07 8.20
N ASN A 170 -9.55 4.31 9.23
CA ASN A 170 -10.75 4.53 10.01
C ASN A 170 -10.68 5.90 10.70
N LYS A 171 -11.67 6.77 10.44
CA LYS A 171 -11.67 8.15 10.87
C LYS A 171 -12.22 8.28 12.29
N GLU A 172 -12.79 7.23 12.87
CA GLU A 172 -13.30 7.33 14.23
C GLU A 172 -12.13 7.31 15.21
N PRO A 173 -12.08 8.23 16.20
CA PRO A 173 -10.93 8.29 17.12
C PRO A 173 -11.02 7.25 18.23
N LYS A 174 -10.93 5.97 17.85
CA LYS A 174 -10.98 4.89 18.82
C LYS A 174 -9.57 4.49 19.27
N TRP A 175 -8.53 5.00 18.59
CA TRP A 175 -7.17 4.54 18.85
C TRP A 175 -6.73 4.82 20.28
N LEU A 176 -6.92 6.06 20.74
CA LEU A 176 -6.39 6.47 22.04
C LEU A 176 -6.91 5.62 23.20
N PHE A 177 -8.23 5.65 23.43
CA PHE A 177 -8.77 4.89 24.55
C PHE A 177 -8.74 3.39 24.24
N GLY A 178 -8.87 3.01 22.96
CA GLY A 178 -8.71 1.61 22.57
C GLY A 178 -7.36 1.02 22.98
N THR A 179 -6.26 1.75 22.72
CA THR A 179 -4.91 1.28 23.03
C THR A 179 -4.70 1.28 24.54
N MET A 180 -5.15 2.34 25.23
CA MET A 180 -5.00 2.37 26.68
C MET A 180 -5.73 1.20 27.33
N GLU A 181 -6.95 0.87 26.85
CA GLU A 181 -7.75 -0.18 27.46
C GLU A 181 -7.10 -1.54 27.19
N LYS A 182 -6.46 -1.65 26.02
CA LYS A 182 -5.79 -2.87 25.64
C LYS A 182 -4.56 -3.08 26.52
N TYR A 183 -3.76 -2.03 26.69
CA TYR A 183 -2.55 -2.21 27.47
C TYR A 183 -2.89 -2.39 28.95
N LEU A 184 -3.91 -1.67 29.43
CA LEU A 184 -4.35 -1.83 30.81
C LEU A 184 -4.75 -3.29 31.07
N LYS A 185 -5.52 -3.91 30.15
CA LYS A 185 -5.89 -5.32 30.23
C LYS A 185 -4.66 -6.22 30.34
N GLU A 186 -3.65 -5.99 29.50
CA GLU A 186 -2.41 -6.76 29.58
C GLU A 186 -1.72 -6.52 30.92
N VAL A 187 -1.57 -5.25 31.30
CA VAL A 187 -0.87 -4.91 32.54
C VAL A 187 -1.46 -5.68 33.72
N LEU A 188 -2.80 -5.78 33.79
CA LEU A 188 -3.47 -6.30 34.97
C LEU A 188 -3.32 -7.82 35.06
N ARG A 189 -2.74 -8.42 34.02
CA ARG A 189 -2.65 -9.86 33.85
C ARG A 189 -1.19 -10.28 33.99
N ILE A 190 -0.28 -9.30 34.01
CA ILE A 190 1.14 -9.61 33.92
C ILE A 190 1.61 -10.23 35.24
N LYS A 191 2.39 -11.31 35.12
CA LYS A 191 3.10 -11.81 36.30
C LYS A 191 4.61 -11.81 36.03
N PHE A 192 5.34 -11.11 36.90
CA PHE A 192 6.79 -11.13 36.87
C PHE A 192 7.26 -12.25 37.79
N THR A 193 8.38 -12.88 37.42
CA THR A 193 9.02 -13.87 38.28
C THR A 193 10.01 -13.20 39.24
N GLU A 194 10.78 -12.21 38.76
CA GLU A 194 11.84 -11.62 39.56
C GLU A 194 11.26 -10.61 40.54
N GLU A 195 11.88 -10.52 41.73
CA GLU A 195 11.27 -9.87 42.89
C GLU A 195 11.23 -8.37 42.68
N SER A 196 12.32 -7.86 42.11
CA SER A 196 12.49 -6.44 41.84
C SER A 196 11.31 -5.86 41.04
N ARG A 197 10.91 -6.58 39.99
CA ARG A 197 9.90 -6.15 39.04
C ARG A 197 8.51 -6.35 39.65
N ILE A 198 8.34 -7.42 40.42
CA ILE A 198 7.13 -7.61 41.21
C ILE A 198 6.87 -6.39 42.07
N LYS A 199 7.89 -5.88 42.77
CA LYS A 199 7.65 -4.72 43.62
C LYS A 199 7.39 -3.45 42.79
N LYS A 200 8.12 -3.29 41.67
CA LYS A 200 7.90 -2.07 40.85
C LYS A 200 6.47 -2.06 40.31
N LEU A 201 5.99 -3.22 39.86
CA LEU A 201 4.66 -3.33 39.30
C LEU A 201 3.59 -3.09 40.37
N HIS A 202 3.82 -3.66 41.54
CA HIS A 202 2.95 -3.49 42.70
C HIS A 202 2.76 -2.00 43.02
N LYS A 203 3.82 -1.19 42.96
CA LYS A 203 3.68 0.24 43.20
C LYS A 203 2.84 0.89 42.09
N LEU A 204 3.04 0.48 40.83
CA LEU A 204 2.25 1.03 39.72
C LEU A 204 0.78 0.65 39.86
N LEU A 205 0.51 -0.60 40.22
CA LEU A 205 -0.86 -1.07 40.37
C LEU A 205 -1.55 -0.38 41.54
N SER A 206 -0.78 0.19 42.46
CA SER A 206 -1.34 0.81 43.64
C SER A 206 -1.95 2.17 43.34
N TYR A 207 -1.73 2.71 42.13
CA TYR A 207 -2.38 3.93 41.70
C TYR A 207 -3.85 3.72 41.39
N ASN A 208 -4.27 2.45 41.26
CA ASN A 208 -5.60 2.06 40.82
C ASN A 208 -5.80 2.50 39.38
N LEU A 209 -5.12 1.81 38.47
CA LEU A 209 -4.99 2.24 37.09
C LEU A 209 -6.36 2.25 36.42
N PRO A 210 -7.25 1.25 36.68
CA PRO A 210 -8.60 1.27 36.09
C PRO A 210 -9.39 2.54 36.43
N LEU A 211 -9.30 2.97 37.69
CA LEU A 211 -10.08 4.11 38.15
C LEU A 211 -9.45 5.39 37.61
N GLU A 212 -8.11 5.42 37.58
CA GLU A 212 -7.39 6.56 37.02
C GLU A 212 -7.68 6.73 35.53
N LEU A 213 -7.81 5.62 34.78
CA LEU A 213 -8.16 5.77 33.38
C LEU A 213 -9.54 6.45 33.21
N GLU A 214 -10.50 6.10 34.08
CA GLU A 214 -11.82 6.71 33.99
C GLU A 214 -11.78 8.21 34.35
N ASN A 215 -10.92 8.57 35.31
CA ASN A 215 -10.63 9.96 35.64
C ASN A 215 -10.13 10.69 34.39
N LEU A 216 -9.18 10.06 33.70
CA LEU A 216 -8.67 10.66 32.46
C LEU A 216 -9.79 10.75 31.42
N ARG A 217 -10.62 9.69 31.33
CA ARG A 217 -11.70 9.66 30.36
C ARG A 217 -12.62 10.88 30.52
N SER A 218 -13.05 11.17 31.76
CA SER A 218 -13.97 12.27 31.91
C SER A 218 -13.28 13.59 31.63
N LEU A 219 -12.00 13.71 32.01
CA LEU A 219 -11.29 14.93 31.64
C LEU A 219 -11.23 15.13 30.12
N LEU A 220 -10.87 14.09 29.38
CA LEU A 220 -10.61 14.28 27.95
C LEU A 220 -11.91 14.37 27.16
N GLU A 221 -12.94 13.66 27.61
CA GLU A 221 -14.22 13.77 26.94
C GLU A 221 -14.81 15.17 27.11
N SER A 222 -14.43 15.90 28.17
CA SER A 222 -14.87 17.28 28.29
C SER A 222 -13.93 18.29 27.56
N THR A 223 -12.92 17.79 26.82
CA THR A 223 -11.96 18.64 26.14
C THR A 223 -12.06 18.42 24.62
N PRO A 224 -12.80 19.28 23.88
CA PRO A 224 -12.93 19.12 22.42
C PRO A 224 -11.56 19.19 21.77
N SER A 225 -11.29 18.29 20.82
CA SER A 225 -10.03 18.28 20.09
C SER A 225 -10.32 17.66 18.74
N PRO A 226 -9.95 18.29 17.61
CA PRO A 226 -10.32 17.74 16.31
C PRO A 226 -9.56 16.45 16.06
N VAL A 227 -10.20 15.55 15.32
CA VAL A 227 -9.67 14.26 14.95
C VAL A 227 -8.93 14.47 13.63
N VAL A 228 -7.68 14.00 13.57
CA VAL A 228 -6.82 14.25 12.43
C VAL A 228 -5.96 13.01 12.27
N PHE A 229 -5.23 12.93 11.16
CA PHE A 229 -4.25 11.87 10.99
C PHE A 229 -3.00 12.19 11.81
N CYS A 230 -2.81 11.43 12.89
CA CYS A 230 -1.76 11.66 13.88
C CYS A 230 -0.57 10.71 13.67
N HIS A 231 0.63 11.26 13.83
CA HIS A 231 1.83 10.44 13.88
C HIS A 231 1.84 9.55 15.14
N ASN A 232 1.57 10.15 16.30
CA ASN A 232 1.39 9.48 17.58
C ASN A 232 2.69 9.07 18.28
N ASP A 233 3.84 9.43 17.71
CA ASP A 233 5.13 9.08 18.30
C ASP A 233 6.17 10.09 17.84
N CYS A 234 5.78 11.36 17.87
CA CYS A 234 6.61 12.41 17.30
C CYS A 234 7.68 12.79 18.31
N GLN A 235 8.76 11.99 18.35
CA GLN A 235 9.91 12.22 19.20
C GLN A 235 11.13 12.43 18.30
N GLU A 236 12.21 12.90 18.93
CA GLU A 236 13.49 13.18 18.30
C GLU A 236 14.00 11.99 17.47
N GLY A 237 13.86 10.76 17.97
CA GLY A 237 14.37 9.55 17.31
C GLY A 237 13.65 9.28 15.99
N ASN A 238 12.53 9.99 15.76
CA ASN A 238 11.70 9.80 14.57
C ASN A 238 11.74 11.06 13.70
N ILE A 239 12.75 11.90 13.92
CA ILE A 239 12.85 13.14 13.16
C ILE A 239 14.25 13.19 12.59
N LEU A 240 14.35 13.21 11.25
CA LEU A 240 15.66 13.22 10.63
C LEU A 240 16.04 14.66 10.33
N LEU A 241 17.31 15.00 10.58
CA LEU A 241 17.88 16.27 10.14
C LEU A 241 18.65 16.01 8.84
N LEU A 242 18.23 16.63 7.74
CA LEU A 242 18.69 16.24 6.42
C LEU A 242 20.07 16.85 6.16
N GLU A 243 21.00 16.01 5.69
CA GLU A 243 22.35 16.47 5.43
C GLU A 243 22.29 17.51 4.31
N GLY A 244 23.09 18.56 4.42
CA GLY A 244 23.12 19.59 3.40
C GLY A 244 22.02 20.63 3.60
N ARG A 245 21.04 20.35 4.47
CA ARG A 245 19.97 21.32 4.63
C ARG A 245 20.06 22.06 5.95
N GLU A 246 21.16 21.86 6.69
CA GLU A 246 21.28 22.39 8.05
C GLU A 246 21.14 23.91 8.08
N ASN A 247 21.38 24.55 6.93
CA ASN A 247 21.37 26.00 6.85
C ASN A 247 19.99 26.49 6.43
N SER A 248 19.12 25.56 6.02
CA SER A 248 17.74 25.89 5.79
C SER A 248 17.07 26.18 7.13
N GLU A 249 16.27 27.25 7.15
CA GLU A 249 15.57 27.66 8.36
C GLU A 249 14.30 26.81 8.55
N LYS A 250 13.60 26.50 7.44
CA LYS A 250 12.24 26.02 7.52
C LYS A 250 12.09 24.60 6.93
N GLN A 251 13.15 24.06 6.28
CA GLN A 251 12.96 22.82 5.54
C GLN A 251 14.13 21.88 5.74
N LYS A 252 14.46 21.54 6.99
CA LYS A 252 15.64 20.70 7.15
C LYS A 252 15.30 19.35 7.78
N LEU A 253 14.02 19.05 7.98
CA LEU A 253 13.65 17.91 8.81
C LEU A 253 12.71 17.01 8.02
N MET A 254 12.73 15.73 8.36
CA MET A 254 11.72 14.79 7.88
C MET A 254 11.23 13.93 9.04
N LEU A 255 9.90 13.86 9.23
CA LEU A 255 9.31 12.96 10.22
C LEU A 255 9.28 11.57 9.61
N ILE A 256 9.69 10.54 10.37
CA ILE A 256 9.68 9.17 9.86
C ILE A 256 8.98 8.28 10.89
N ASP A 257 8.75 7.02 10.52
CA ASP A 257 8.41 5.95 11.45
C ASP A 257 6.96 6.09 11.93
N PHE A 258 6.02 5.81 11.02
CA PHE A 258 4.59 6.02 11.21
C PHE A 258 3.92 4.76 11.74
N GLU A 259 4.66 3.96 12.48
CA GLU A 259 4.13 2.66 12.86
C GLU A 259 2.97 2.76 13.85
N TYR A 260 2.88 3.84 14.64
CA TYR A 260 1.75 4.03 15.53
C TYR A 260 0.66 4.96 14.98
N SER A 261 0.81 5.46 13.73
CA SER A 261 -0.02 6.52 13.18
C SER A 261 -1.47 6.09 13.06
N SER A 262 -2.41 7.00 13.34
CA SER A 262 -3.82 6.68 13.21
C SER A 262 -4.61 7.99 13.26
N TYR A 263 -5.89 7.94 12.84
CA TYR A 263 -6.78 9.03 13.16
C TYR A 263 -6.89 9.12 14.69
N ASN A 264 -6.64 10.30 15.24
CA ASN A 264 -6.60 10.46 16.67
C ASN A 264 -6.84 11.94 16.96
N TYR A 265 -7.02 12.25 18.25
CA TYR A 265 -7.23 13.62 18.69
C TYR A 265 -5.94 14.39 18.52
N ARG A 266 -6.03 15.57 17.90
CA ARG A 266 -4.86 16.38 17.60
C ARG A 266 -4.11 16.74 18.90
N GLY A 267 -4.87 16.85 19.98
CA GLY A 267 -4.33 17.14 21.30
C GLY A 267 -3.25 16.13 21.71
N PHE A 268 -3.50 14.86 21.37
CA PHE A 268 -2.55 13.81 21.71
C PHE A 268 -1.22 14.01 20.98
N ASP A 269 -1.27 14.31 19.68
CA ASP A 269 -0.03 14.36 18.91
C ASP A 269 0.85 15.51 19.43
N ILE A 270 0.24 16.67 19.66
CA ILE A 270 1.03 17.81 20.16
C ILE A 270 1.47 17.58 21.61
N GLY A 271 0.52 17.18 22.47
CA GLY A 271 0.85 16.89 23.87
C GLY A 271 1.95 15.83 23.97
N ASN A 272 1.85 14.78 23.17
CA ASN A 272 2.87 13.72 23.20
C ASN A 272 4.23 14.31 22.84
N HIS A 273 4.26 15.18 21.82
CA HIS A 273 5.52 15.78 21.38
C HIS A 273 6.12 16.63 22.50
N PHE A 274 5.26 17.40 23.23
CA PHE A 274 5.72 18.23 24.33
C PHE A 274 6.36 17.36 25.41
N CYS A 275 5.68 16.24 25.76
CA CYS A 275 6.22 15.31 26.74
C CYS A 275 7.64 14.86 26.34
N GLU A 276 7.86 14.65 25.02
CA GLU A 276 9.13 14.11 24.52
C GLU A 276 10.29 15.06 24.75
N TRP A 277 10.00 16.32 25.09
CA TRP A 277 11.06 17.26 25.45
C TRP A 277 11.76 16.85 26.74
N MET A 278 11.07 16.05 27.56
CA MET A 278 11.59 15.64 28.87
C MET A 278 12.42 14.35 28.81
N TYR A 279 12.35 13.58 27.70
CA TYR A 279 12.90 12.22 27.70
C TYR A 279 14.04 12.11 26.70
N ASP A 280 15.18 11.65 27.19
CA ASP A 280 16.35 11.48 26.35
C ASP A 280 16.73 10.00 26.36
N TYR A 281 16.55 9.34 25.22
CA TYR A 281 16.79 7.92 25.09
C TYR A 281 18.22 7.58 24.61
N SER A 282 19.16 8.55 24.63
CA SER A 282 20.53 8.29 24.19
C SER A 282 21.48 7.95 25.35
N TYR A 283 20.97 7.94 26.59
CA TYR A 283 21.78 7.66 27.75
C TYR A 283 22.33 6.24 27.67
N GLU A 284 23.65 6.08 27.89
CA GLU A 284 24.32 4.83 27.59
C GLU A 284 24.40 3.86 28.78
N LYS A 285 23.92 4.26 29.97
CA LYS A 285 23.87 3.36 31.11
C LYS A 285 22.42 3.08 31.52
N TYR A 286 22.17 1.95 32.17
CA TYR A 286 20.88 1.62 32.74
C TYR A 286 20.35 2.84 33.50
N PRO A 287 19.07 3.25 33.38
CA PRO A 287 18.05 2.54 32.59
C PRO A 287 17.96 2.89 31.11
N PHE A 288 19.00 3.53 30.56
CA PHE A 288 19.07 3.84 29.13
C PHE A 288 18.12 4.99 28.74
N PHE A 289 17.71 5.80 29.72
CA PHE A 289 17.07 7.07 29.42
C PHE A 289 17.33 8.01 30.58
N ARG A 290 17.11 9.30 30.34
CA ARG A 290 17.04 10.31 31.38
C ARG A 290 15.72 11.06 31.23
N ALA A 291 15.09 11.38 32.37
CA ALA A 291 13.85 12.13 32.41
C ALA A 291 14.15 13.44 33.13
N ASN A 292 13.72 14.56 32.53
CA ASN A 292 13.96 15.87 33.14
C ASN A 292 12.68 16.70 33.03
N ILE A 293 11.91 16.70 34.11
CA ILE A 293 10.64 17.40 34.21
C ILE A 293 10.76 18.89 33.86
N ARG A 294 11.92 19.50 34.16
CA ARG A 294 12.14 20.93 34.02
C ARG A 294 12.16 21.29 32.53
N LYS A 295 12.33 20.28 31.67
CA LYS A 295 12.55 20.52 30.25
C LYS A 295 11.23 20.54 29.48
N TYR A 296 10.11 20.27 30.15
CA TYR A 296 8.81 20.42 29.52
C TYR A 296 8.71 21.85 28.98
N PRO A 297 8.20 22.10 27.76
CA PRO A 297 8.16 23.47 27.21
C PRO A 297 7.41 24.43 28.12
N THR A 298 7.98 25.63 28.26
CA THR A 298 7.36 26.74 28.97
C THR A 298 6.17 27.22 28.13
N LYS A 299 5.30 28.02 28.75
CA LYS A 299 4.14 28.59 28.06
C LYS A 299 4.58 29.29 26.77
N LYS A 300 5.70 30.00 26.85
CA LYS A 300 6.29 30.71 25.72
C LYS A 300 6.70 29.76 24.60
N GLN A 301 7.36 28.65 24.95
CA GLN A 301 7.83 27.69 23.96
C GLN A 301 6.63 26.97 23.36
N GLN A 302 5.60 26.70 24.18
CA GLN A 302 4.39 26.07 23.68
C GLN A 302 3.66 27.01 22.71
N LEU A 303 3.55 28.28 23.08
CA LEU A 303 2.95 29.29 22.21
C LEU A 303 3.70 29.43 20.89
N HIS A 304 5.04 29.39 20.95
CA HIS A 304 5.85 29.42 19.74
C HIS A 304 5.51 28.23 18.83
N PHE A 305 5.40 27.03 19.42
CA PHE A 305 5.08 25.85 18.64
C PHE A 305 3.69 26.01 18.03
N ILE A 306 2.68 26.35 18.84
CA ILE A 306 1.33 26.37 18.28
C ILE A 306 1.13 27.56 17.31
N SER A 307 1.89 28.65 17.50
CA SER A 307 1.88 29.76 16.54
C SER A 307 2.36 29.34 15.15
N SER A 308 3.17 28.28 15.09
N SER A 308 3.20 28.30 15.09
CA SER A 308 3.68 27.83 13.80
CA SER A 308 3.67 27.82 13.81
C SER A 308 2.77 26.74 13.24
C SER A 308 2.68 26.80 13.25
N TYR A 309 2.20 25.92 14.13
CA TYR A 309 1.25 24.88 13.75
C TYR A 309 -0.01 25.49 13.10
N LEU A 310 -0.61 26.48 13.75
CA LEU A 310 -2.00 26.83 13.47
C LEU A 310 -2.18 27.33 12.04
N PRO A 311 -1.33 28.27 11.52
CA PRO A 311 -1.41 28.67 10.12
C PRO A 311 -1.11 27.58 9.10
N ALA A 312 -0.30 26.58 9.50
CA ALA A 312 -0.04 25.48 8.57
C ALA A 312 -1.22 24.51 8.55
N PHE A 313 -2.05 24.48 9.59
CA PHE A 313 -3.16 23.56 9.66
C PHE A 313 -4.49 24.20 9.23
N GLN A 314 -4.68 25.47 9.61
CA GLN A 314 -5.93 26.21 9.40
C GLN A 314 -5.60 27.33 8.41
N ASN A 315 -6.04 27.17 7.16
CA ASN A 315 -5.66 28.10 6.10
C ASN A 315 -6.13 29.54 6.36
N ASP A 316 -7.35 29.67 6.88
CA ASP A 316 -7.88 30.98 7.25
C ASP A 316 -7.00 31.68 8.30
N PHE A 317 -6.49 30.91 9.29
CA PHE A 317 -6.05 31.34 10.61
C PHE A 317 -5.29 32.67 10.60
N GLU A 318 -4.40 32.83 9.64
CA GLU A 318 -3.57 34.02 9.49
C GLU A 318 -4.42 35.31 9.43
N ASN A 319 -5.62 35.18 8.85
CA ASN A 319 -6.51 36.29 8.55
C ASN A 319 -7.46 36.59 9.69
N LEU A 320 -7.37 35.86 10.81
CA LEU A 320 -8.24 36.15 11.94
C LEU A 320 -7.70 37.38 12.67
N SER A 321 -8.55 38.01 13.50
CA SER A 321 -8.13 39.08 14.37
C SER A 321 -7.20 38.57 15.47
N THR A 322 -6.48 39.52 16.09
CA THR A 322 -5.55 39.31 17.18
C THR A 322 -6.24 38.65 18.36
N GLU A 323 -7.42 39.16 18.72
CA GLU A 323 -8.11 38.64 19.89
C GLU A 323 -8.62 37.23 19.61
N GLU A 324 -9.14 37.00 18.41
CA GLU A 324 -9.63 35.69 18.03
C GLU A 324 -8.49 34.67 17.99
N LYS A 325 -7.33 35.06 17.44
CA LYS A 325 -6.14 34.22 17.43
C LYS A 325 -5.75 33.87 18.86
N SER A 326 -5.73 34.89 19.71
CA SER A 326 -5.33 34.74 21.09
C SER A 326 -6.26 33.76 21.80
N ILE A 327 -7.56 33.85 21.53
CA ILE A 327 -8.54 32.97 22.16
C ILE A 327 -8.27 31.53 21.75
N ILE A 328 -7.97 31.34 20.46
CA ILE A 328 -7.79 30.01 19.91
C ILE A 328 -6.58 29.35 20.57
N LYS A 329 -5.48 30.09 20.63
CA LYS A 329 -4.22 29.65 21.21
C LYS A 329 -4.35 29.28 22.69
N GLU A 330 -5.04 30.12 23.49
CA GLU A 330 -5.28 29.85 24.91
C GLU A 330 -6.10 28.58 25.07
N GLU A 331 -7.14 28.42 24.23
CA GLU A 331 -7.89 27.17 24.26
C GLU A 331 -6.99 25.99 23.90
N MET A 332 -6.13 26.18 22.91
CA MET A 332 -5.35 25.08 22.39
C MET A 332 -4.29 24.67 23.43
N LEU A 333 -3.78 25.64 24.19
CA LEU A 333 -2.90 25.32 25.31
C LEU A 333 -3.60 24.41 26.31
N LEU A 334 -4.88 24.68 26.63
CA LEU A 334 -5.57 23.83 27.59
C LEU A 334 -5.72 22.44 26.97
N GLU A 335 -6.18 22.40 25.73
CA GLU A 335 -6.35 21.15 25.00
C GLU A 335 -5.10 20.27 25.08
N VAL A 336 -3.92 20.79 24.71
N VAL A 336 -3.96 20.84 24.68
CA VAL A 336 -2.78 19.92 24.48
CA VAL A 336 -2.75 20.07 24.46
C VAL A 336 -2.09 19.57 25.80
C VAL A 336 -2.25 19.55 25.81
N ASN A 337 -2.23 20.44 26.80
CA ASN A 337 -1.69 20.13 28.12
C ASN A 337 -2.49 19.01 28.78
N ARG A 338 -3.81 19.00 28.55
CA ARG A 338 -4.64 17.90 29.04
C ARG A 338 -4.39 16.60 28.27
N PHE A 339 -4.22 16.67 26.93
CA PHE A 339 -3.95 15.42 26.22
C PHE A 339 -2.53 14.91 26.50
N ALA A 340 -1.64 15.78 26.98
CA ALA A 340 -0.34 15.26 27.38
C ALA A 340 -0.47 14.21 28.48
N LEU A 341 -1.49 14.31 29.36
CA LEU A 341 -1.71 13.28 30.40
C LEU A 341 -1.91 11.90 29.77
N ALA A 342 -2.59 11.87 28.60
CA ALA A 342 -2.79 10.57 27.96
C ALA A 342 -1.49 10.05 27.38
N SER A 343 -0.62 10.95 26.92
CA SER A 343 0.69 10.48 26.50
C SER A 343 1.40 9.71 27.63
N HIS A 344 1.48 10.32 28.83
CA HIS A 344 2.11 9.69 29.98
C HIS A 344 1.42 8.37 30.31
N PHE A 345 0.09 8.36 30.28
CA PHE A 345 -0.66 7.20 30.74
C PHE A 345 -0.44 6.08 29.72
N LEU A 346 -0.66 6.38 28.43
CA LEU A 346 -0.55 5.37 27.39
C LEU A 346 0.86 4.80 27.36
N TRP A 347 1.90 5.65 27.36
CA TRP A 347 3.24 5.10 27.20
C TRP A 347 3.70 4.45 28.50
N GLY A 348 3.18 4.92 29.65
CA GLY A 348 3.45 4.22 30.90
C GLY A 348 2.94 2.78 30.89
N LEU A 349 1.67 2.58 30.50
CA LEU A 349 1.11 1.24 30.38
C LEU A 349 1.92 0.39 29.38
N TRP A 350 2.12 0.97 28.18
CA TRP A 350 2.89 0.32 27.11
C TRP A 350 4.22 -0.21 27.66
N SER A 351 4.88 0.61 28.45
CA SER A 351 6.22 0.32 28.92
C SER A 351 6.22 -0.85 29.92
N ILE A 352 5.15 -0.99 30.71
CA ILE A 352 4.96 -2.15 31.58
C ILE A 352 4.88 -3.46 30.77
N VAL A 353 4.00 -3.52 29.77
CA VAL A 353 3.93 -4.65 28.86
C VAL A 353 5.31 -4.92 28.21
N GLN A 354 6.06 -3.89 27.75
CA GLN A 354 7.35 -4.10 27.11
C GLN A 354 8.37 -4.79 28.05
N ALA A 355 8.31 -4.46 29.34
CA ALA A 355 9.20 -5.06 30.32
C ALA A 355 8.99 -6.58 30.33
N LYS A 356 7.74 -7.04 30.14
CA LYS A 356 7.46 -8.46 30.05
C LYS A 356 7.93 -9.06 28.72
N ILE A 357 7.68 -8.40 27.58
CA ILE A 357 7.74 -9.07 26.29
C ILE A 357 8.90 -8.59 25.41
N SER A 358 9.53 -7.45 25.70
CA SER A 358 10.48 -6.91 24.74
C SER A 358 11.86 -7.55 24.89
N SER A 359 12.61 -7.58 23.77
CA SER A 359 13.98 -8.08 23.71
C SER A 359 15.00 -6.94 23.78
N ILE A 360 14.53 -5.68 23.75
CA ILE A 360 15.41 -4.52 23.77
C ILE A 360 15.90 -4.28 25.20
N GLU A 361 17.20 -3.98 25.33
CA GLU A 361 17.83 -3.62 26.59
C GLU A 361 17.45 -2.19 26.97
N PHE A 362 16.44 -2.07 27.85
CA PHE A 362 15.93 -0.75 28.22
C PHE A 362 15.24 -0.86 29.57
N GLY A 363 15.36 0.19 30.38
CA GLY A 363 14.76 0.13 31.70
C GLY A 363 13.27 0.47 31.62
N TYR A 364 12.47 -0.48 31.12
CA TYR A 364 11.06 -0.27 30.86
C TYR A 364 10.30 0.02 32.15
N MET A 365 10.62 -0.68 33.25
CA MET A 365 9.84 -0.50 34.46
C MET A 365 10.17 0.87 35.03
N ASP A 366 11.42 1.33 34.90
CA ASP A 366 11.75 2.64 35.46
C ASP A 366 11.12 3.78 34.61
N TYR A 367 10.98 3.54 33.30
CA TYR A 367 10.43 4.49 32.34
C TYR A 367 8.93 4.59 32.57
N ALA A 368 8.30 3.44 32.87
CA ALA A 368 6.89 3.45 33.26
C ALA A 368 6.67 4.30 34.51
N GLN A 369 7.52 4.09 35.53
CA GLN A 369 7.41 4.89 36.75
C GLN A 369 7.68 6.38 36.46
N ALA A 370 8.66 6.70 35.59
CA ALA A 370 8.88 8.10 35.22
C ALA A 370 7.64 8.68 34.50
N ARG A 371 7.01 7.94 33.59
CA ARG A 371 5.80 8.48 32.95
C ARG A 371 4.69 8.70 33.98
N PHE A 372 4.49 7.75 34.90
CA PHE A 372 3.43 7.95 35.88
C PHE A 372 3.72 9.11 36.83
N ASP A 373 5.00 9.30 37.21
CA ASP A 373 5.34 10.46 38.05
C ASP A 373 4.99 11.76 37.32
N ALA A 374 5.28 11.80 36.01
CA ALA A 374 4.96 13.00 35.23
C ALA A 374 3.46 13.17 35.06
N TYR A 375 2.73 12.05 34.86
CA TYR A 375 1.27 12.09 34.84
C TYR A 375 0.76 12.82 36.09
N PHE A 376 1.21 12.39 37.28
CA PHE A 376 0.61 12.97 38.48
C PHE A 376 1.10 14.40 38.67
N HIS A 377 2.37 14.66 38.32
CA HIS A 377 2.88 16.02 38.33
C HIS A 377 2.04 17.00 37.45
N GLN A 378 1.75 16.58 36.20
CA GLN A 378 0.97 17.38 35.25
C GLN A 378 -0.46 17.54 35.76
N LYS A 379 -1.04 16.51 36.42
CA LYS A 379 -2.36 16.75 36.99
C LYS A 379 -2.31 17.82 38.07
N ARG A 380 -1.24 17.81 38.88
CA ARG A 380 -1.11 18.81 39.94
C ARG A 380 -0.95 20.21 39.32
N LYS A 381 -0.11 20.32 38.28
CA LYS A 381 0.12 21.58 37.59
C LYS A 381 -1.19 22.11 36.98
N LEU A 382 -2.01 21.24 36.40
CA LEU A 382 -3.24 21.68 35.74
C LEU A 382 -4.36 21.87 36.77
N GLY A 383 -4.27 21.17 37.91
CA GLY A 383 -5.31 21.33 38.92
C GLY A 383 -6.52 20.49 38.52
N VAL A 384 -6.24 19.38 37.85
CA VAL A 384 -7.31 18.45 37.50
C VAL A 384 -7.18 17.18 38.35
N GLU B 8 -30.38 -5.13 -7.03
CA GLU B 8 -30.38 -6.22 -6.02
C GLU B 8 -29.81 -5.66 -4.71
N GLN B 9 -30.54 -5.92 -3.60
CA GLN B 9 -30.09 -5.60 -2.26
C GLN B 9 -29.22 -6.75 -1.78
N PRO B 10 -28.16 -6.46 -0.98
CA PRO B 10 -27.32 -7.51 -0.39
C PRO B 10 -28.02 -8.10 0.83
N GLU B 11 -27.36 -9.10 1.45
CA GLU B 11 -27.83 -9.72 2.68
C GLU B 11 -27.93 -8.62 3.73
N PRO B 12 -28.78 -8.75 4.77
CA PRO B 12 -28.94 -7.70 5.77
C PRO B 12 -27.69 -7.40 6.59
N ARG B 13 -26.87 -8.43 6.85
CA ARG B 13 -25.65 -8.26 7.63
C ARG B 13 -24.58 -7.59 6.77
N THR B 14 -24.65 -7.84 5.47
CA THR B 14 -23.74 -7.20 4.55
C THR B 14 -24.05 -5.70 4.52
N ARG B 15 -25.35 -5.38 4.37
CA ARG B 15 -25.81 -4.00 4.33
C ARG B 15 -25.28 -3.24 5.54
N ARG B 16 -25.41 -3.89 6.72
CA ARG B 16 -25.05 -3.30 8.00
C ARG B 16 -23.55 -3.08 8.05
N ARG B 17 -22.78 -4.07 7.56
CA ARG B 17 -21.32 -4.01 7.60
C ARG B 17 -20.78 -2.97 6.62
N ALA B 18 -21.42 -2.86 5.46
CA ALA B 18 -21.08 -1.84 4.47
C ALA B 18 -21.34 -0.45 5.04
N TYR B 19 -22.52 -0.28 5.62
CA TYR B 19 -22.90 0.99 6.21
C TYR B 19 -21.82 1.46 7.20
N LEU B 20 -21.35 0.56 8.06
CA LEU B 20 -20.35 0.93 9.06
C LEU B 20 -18.99 1.32 8.45
N TRP B 21 -18.53 0.55 7.45
CA TRP B 21 -17.31 0.88 6.73
C TRP B 21 -17.41 2.26 6.10
N CYS B 22 -18.52 2.54 5.40
CA CYS B 22 -18.63 3.82 4.74
C CYS B 22 -18.70 4.95 5.76
N LYS B 23 -19.45 4.74 6.85
CA LYS B 23 -19.64 5.80 7.83
C LYS B 23 -18.30 6.14 8.50
N GLU B 24 -17.53 5.10 8.83
CA GLU B 24 -16.29 5.28 9.57
C GLU B 24 -15.12 5.68 8.65
N PHE B 25 -15.04 5.20 7.39
CA PHE B 25 -13.87 5.49 6.54
C PHE B 25 -14.07 6.74 5.69
N LEU B 26 -15.31 7.12 5.37
CA LEU B 26 -15.47 8.22 4.44
C LEU B 26 -15.71 9.53 5.21
N PRO B 27 -15.21 10.67 4.73
CA PRO B 27 -15.41 11.96 5.42
C PRO B 27 -16.73 12.67 5.10
N GLY B 28 -16.94 13.84 5.71
CA GLY B 28 -18.05 14.69 5.31
C GLY B 28 -19.40 14.13 5.78
N ALA B 29 -20.38 14.17 4.87
CA ALA B 29 -21.74 13.76 5.15
C ALA B 29 -21.82 12.27 5.52
N TRP B 30 -20.87 11.46 5.03
CA TRP B 30 -20.84 10.07 5.43
C TRP B 30 -20.72 9.91 6.95
N ARG B 31 -19.95 10.78 7.61
CA ARG B 31 -19.63 10.57 9.02
C ARG B 31 -20.90 10.61 9.89
N GLY B 32 -21.89 11.39 9.47
CA GLY B 32 -23.10 11.60 10.25
C GLY B 32 -24.31 10.84 9.72
N LEU B 33 -24.11 9.98 8.69
CA LEU B 33 -25.16 9.20 8.06
C LEU B 33 -25.77 8.18 9.03
N ARG B 34 -27.11 8.05 8.97
CA ARG B 34 -27.85 7.00 9.67
C ARG B 34 -28.00 5.76 8.79
N GLU B 35 -28.09 4.61 9.45
CA GLU B 35 -28.28 3.32 8.80
C GLU B 35 -29.43 3.40 7.79
N ASP B 36 -30.54 4.04 8.20
CA ASP B 36 -31.74 4.12 7.35
C ASP B 36 -31.53 5.01 6.13
N GLU B 37 -30.49 5.87 6.13
CA GLU B 37 -30.27 6.75 4.98
C GLU B 37 -29.29 6.11 3.98
N PHE B 38 -28.81 4.90 4.29
CA PHE B 38 -27.74 4.27 3.52
C PHE B 38 -28.31 3.54 2.32
N HIS B 39 -27.78 3.85 1.13
CA HIS B 39 -28.13 3.20 -0.13
C HIS B 39 -26.97 2.31 -0.55
N ILE B 40 -27.23 1.02 -0.79
CA ILE B 40 -26.24 0.13 -1.37
C ILE B 40 -26.94 -0.74 -2.41
N SER B 41 -26.21 -1.23 -3.42
CA SER B 41 -26.70 -2.27 -4.31
C SER B 41 -25.55 -3.11 -4.86
N VAL B 42 -25.88 -4.35 -5.27
CA VAL B 42 -24.93 -5.36 -5.74
C VAL B 42 -24.48 -5.03 -7.16
N ILE B 43 -23.19 -5.13 -7.44
CA ILE B 43 -22.71 -4.98 -8.81
C ILE B 43 -22.30 -6.35 -9.29
N ARG B 44 -21.59 -7.07 -8.44
CA ARG B 44 -21.26 -8.46 -8.70
C ARG B 44 -21.38 -9.20 -7.37
N GLY B 45 -22.22 -10.23 -7.37
CA GLY B 45 -22.36 -11.13 -6.23
C GLY B 45 -21.32 -12.24 -6.31
N GLY B 46 -21.75 -13.47 -5.99
CA GLY B 46 -20.82 -14.58 -5.88
C GLY B 46 -20.32 -14.70 -4.45
N LEU B 47 -19.41 -15.65 -4.25
CA LEU B 47 -18.94 -16.00 -2.92
C LEU B 47 -17.69 -15.20 -2.60
N SER B 48 -17.03 -14.67 -3.64
CA SER B 48 -15.81 -13.93 -3.43
C SER B 48 -15.76 -12.71 -4.36
N ASN B 49 -14.87 -11.76 -4.01
CA ASN B 49 -14.67 -10.46 -4.65
C ASN B 49 -15.99 -9.81 -5.03
N MET B 50 -16.94 -9.77 -4.09
CA MET B 50 -18.19 -9.06 -4.35
C MET B 50 -17.92 -7.56 -4.49
N LEU B 51 -18.77 -6.92 -5.30
CA LEU B 51 -18.71 -5.50 -5.60
C LEU B 51 -20.06 -4.89 -5.30
N PHE B 52 -20.04 -3.75 -4.61
CA PHE B 52 -21.26 -3.03 -4.28
C PHE B 52 -21.03 -1.56 -4.61
N GLN B 53 -22.10 -0.85 -4.96
CA GLN B 53 -22.04 0.59 -5.00
C GLN B 53 -22.82 1.14 -3.81
N CYS B 54 -22.23 2.16 -3.16
CA CYS B 54 -22.75 2.70 -1.92
C CYS B 54 -22.88 4.18 -2.15
N SER B 55 -24.01 4.78 -1.75
CA SER B 55 -24.20 6.20 -2.01
C SER B 55 -24.95 6.89 -0.86
N LEU B 56 -24.82 8.23 -0.86
CA LEU B 56 -25.59 9.14 -0.05
C LEU B 56 -26.99 9.30 -0.63
N PRO B 57 -28.03 9.60 0.19
CA PRO B 57 -29.36 9.91 -0.35
C PRO B 57 -29.19 11.03 -1.36
N ASP B 58 -30.05 11.08 -2.39
CA ASP B 58 -30.04 12.20 -3.31
C ASP B 58 -30.26 13.52 -2.55
N THR B 59 -31.03 13.46 -1.46
CA THR B 59 -31.42 14.63 -0.69
C THR B 59 -30.31 15.09 0.25
N THR B 60 -29.25 14.28 0.45
CA THR B 60 -28.17 14.69 1.34
C THR B 60 -27.15 15.52 0.58
N ALA B 61 -26.69 16.61 1.20
CA ALA B 61 -25.70 17.48 0.62
C ALA B 61 -24.31 17.08 1.11
N THR B 62 -23.31 17.18 0.22
CA THR B 62 -21.93 16.99 0.62
C THR B 62 -21.47 18.25 1.34
N LEU B 63 -20.52 18.09 2.27
CA LEU B 63 -19.98 19.16 3.10
C LEU B 63 -18.71 19.71 2.46
N GLY B 64 -18.07 18.86 1.64
CA GLY B 64 -16.78 19.16 1.06
C GLY B 64 -16.58 18.40 -0.23
N ASP B 65 -15.44 17.75 -0.34
CA ASP B 65 -14.98 17.08 -1.55
C ASP B 65 -15.09 15.55 -1.39
N GLU B 66 -15.85 15.10 -0.38
CA GLU B 66 -16.11 13.68 -0.19
C GLU B 66 -16.97 13.22 -1.37
N PRO B 67 -16.86 11.94 -1.80
CA PRO B 67 -17.67 11.44 -2.92
C PRO B 67 -19.08 11.08 -2.45
N ARG B 68 -20.02 11.12 -3.39
CA ARG B 68 -21.44 10.87 -3.15
C ARG B 68 -21.71 9.37 -3.29
N LYS B 69 -20.82 8.70 -4.03
CA LYS B 69 -20.94 7.30 -4.37
C LYS B 69 -19.53 6.69 -4.40
N VAL B 70 -19.40 5.46 -3.88
CA VAL B 70 -18.14 4.74 -3.83
C VAL B 70 -18.37 3.29 -4.26
N LEU B 71 -17.26 2.57 -4.51
CA LEU B 71 -17.37 1.15 -4.71
C LEU B 71 -16.79 0.40 -3.52
N LEU B 72 -17.53 -0.61 -3.05
CA LEU B 72 -17.08 -1.48 -1.99
C LEU B 72 -16.72 -2.82 -2.62
N ARG B 73 -15.48 -3.24 -2.41
CA ARG B 73 -15.03 -4.56 -2.80
C ARG B 73 -14.78 -5.37 -1.53
N LEU B 74 -15.46 -6.52 -1.42
CA LEU B 74 -15.32 -7.47 -0.32
C LEU B 74 -14.62 -8.74 -0.81
N TYR B 75 -13.56 -9.17 -0.10
CA TYR B 75 -12.78 -10.32 -0.51
C TYR B 75 -13.59 -11.62 -0.41
N GLY B 76 -13.86 -12.09 0.81
CA GLY B 76 -14.40 -13.42 1.02
C GLY B 76 -13.51 -14.50 0.40
N ALA B 77 -12.19 -14.36 0.65
CA ALA B 77 -11.13 -15.03 -0.09
C ALA B 77 -11.28 -16.55 0.04
N GLU B 102 -1.38 -12.34 2.34
CA GLU B 102 -0.07 -12.81 1.80
C GLU B 102 0.32 -11.89 0.64
N ALA B 103 -0.26 -12.15 -0.54
CA ALA B 103 -0.21 -11.26 -1.68
C ALA B 103 -1.29 -10.18 -1.51
N MET B 104 -1.94 -10.17 -0.34
CA MET B 104 -2.92 -9.15 0.03
C MET B 104 -2.19 -7.82 0.21
N VAL B 105 -1.00 -7.86 0.81
CA VAL B 105 -0.12 -6.71 0.98
C VAL B 105 0.22 -6.12 -0.40
N LEU B 106 0.73 -6.98 -1.29
CA LEU B 106 1.22 -6.53 -2.59
C LEU B 106 0.10 -5.87 -3.39
N GLU B 107 -1.09 -6.48 -3.40
CA GLU B 107 -2.20 -5.96 -4.18
C GLU B 107 -2.64 -4.58 -3.65
N SER B 108 -2.66 -4.45 -2.33
CA SER B 108 -3.10 -3.23 -1.70
C SER B 108 -2.10 -2.09 -1.89
N VAL B 109 -0.78 -2.38 -1.76
CA VAL B 109 0.27 -1.38 -1.96
C VAL B 109 0.21 -0.90 -3.42
N MET B 110 0.10 -1.86 -4.33
CA MET B 110 -0.04 -1.56 -5.73
C MET B 110 -1.26 -0.68 -6.02
N PHE B 111 -2.42 -1.05 -5.48
CA PHE B 111 -3.62 -0.26 -5.73
C PHE B 111 -3.43 1.18 -5.23
N ALA B 112 -2.84 1.32 -4.03
CA ALA B 112 -2.62 2.64 -3.43
C ALA B 112 -1.68 3.51 -4.27
N ILE B 113 -0.59 2.92 -4.76
CA ILE B 113 0.34 3.67 -5.60
C ILE B 113 -0.36 4.09 -6.90
N LEU B 114 -1.08 3.16 -7.56
CA LEU B 114 -1.77 3.53 -8.79
C LEU B 114 -2.75 4.68 -8.58
N ALA B 115 -3.39 4.73 -7.39
CA ALA B 115 -4.30 5.81 -7.01
C ALA B 115 -3.53 7.12 -6.86
N GLU B 116 -2.41 7.09 -6.13
CA GLU B 116 -1.64 8.31 -5.97
C GLU B 116 -1.22 8.84 -7.35
N ARG B 117 -0.97 7.93 -8.30
CA ARG B 117 -0.45 8.34 -9.61
C ARG B 117 -1.57 8.61 -10.63
N SER B 118 -2.86 8.59 -10.21
CA SER B 118 -4.00 8.81 -11.10
C SER B 118 -4.07 7.80 -12.24
N LEU B 119 -3.64 6.57 -11.99
CA LEU B 119 -3.74 5.54 -13.02
C LEU B 119 -4.80 4.50 -12.64
N GLY B 120 -5.34 4.63 -11.42
CA GLY B 120 -6.42 3.76 -11.02
C GLY B 120 -7.41 4.55 -10.18
N PRO B 121 -8.52 3.93 -9.72
CA PRO B 121 -9.51 4.62 -8.90
C PRO B 121 -8.83 4.99 -7.57
N LYS B 122 -9.23 6.11 -6.97
CA LYS B 122 -8.73 6.51 -5.66
C LYS B 122 -9.09 5.45 -4.62
N LEU B 123 -8.29 5.37 -3.57
CA LEU B 123 -8.50 4.43 -2.49
C LEU B 123 -9.04 5.22 -1.30
N TYR B 124 -10.26 4.88 -0.86
CA TYR B 124 -10.92 5.64 0.21
C TYR B 124 -10.83 4.90 1.53
N GLY B 125 -10.67 3.59 1.48
CA GLY B 125 -10.58 2.86 2.73
C GLY B 125 -10.04 1.46 2.54
N ILE B 126 -9.32 0.95 3.55
CA ILE B 126 -8.81 -0.40 3.46
C ILE B 126 -8.98 -1.08 4.81
N PHE B 127 -9.38 -2.36 4.81
CA PHE B 127 -9.68 -3.05 6.05
C PHE B 127 -9.57 -4.54 5.76
N PRO B 128 -9.49 -5.43 6.78
CA PRO B 128 -9.33 -6.85 6.50
C PRO B 128 -10.28 -7.41 5.42
N GLN B 129 -11.55 -7.04 5.45
CA GLN B 129 -12.55 -7.72 4.65
C GLN B 129 -12.62 -7.16 3.21
N GLY B 130 -11.92 -6.07 2.92
CA GLY B 130 -12.19 -5.38 1.66
C GLY B 130 -11.67 -3.95 1.61
N ARG B 131 -12.21 -3.15 0.66
CA ARG B 131 -11.78 -1.79 0.45
C ARG B 131 -12.91 -1.00 -0.21
N LEU B 132 -12.84 0.32 0.05
CA LEU B 132 -13.67 1.35 -0.58
C LEU B 132 -12.84 2.07 -1.62
N GLU B 133 -13.39 2.15 -2.83
CA GLU B 133 -12.68 2.70 -3.98
C GLU B 133 -13.57 3.76 -4.61
N GLN B 134 -12.94 4.67 -5.32
CA GLN B 134 -13.67 5.64 -6.09
C GLN B 134 -14.58 4.88 -7.07
N PHE B 135 -15.82 5.36 -7.20
CA PHE B 135 -16.74 4.90 -8.22
C PHE B 135 -16.52 5.71 -9.49
N ILE B 136 -16.08 5.05 -10.56
CA ILE B 136 -15.78 5.75 -11.80
C ILE B 136 -16.99 5.56 -12.70
N PRO B 137 -17.77 6.62 -13.01
CA PRO B 137 -18.88 6.51 -13.95
C PRO B 137 -18.35 6.03 -15.30
N SER B 138 -18.85 4.87 -15.75
CA SER B 138 -18.25 4.19 -16.89
C SER B 138 -18.98 2.90 -17.20
N ARG B 139 -18.55 2.20 -18.26
CA ARG B 139 -18.86 0.79 -18.44
C ARG B 139 -17.61 0.04 -18.93
N ARG B 140 -17.66 -1.29 -18.89
CA ARG B 140 -16.63 -2.14 -19.48
C ARG B 140 -16.80 -2.14 -20.99
N LEU B 141 -15.69 -2.39 -21.71
CA LEU B 141 -15.72 -2.58 -23.15
C LEU B 141 -16.29 -3.97 -23.42
N ASP B 142 -16.89 -4.11 -24.60
CA ASP B 142 -17.25 -5.42 -25.14
C ASP B 142 -16.09 -5.89 -26.00
N THR B 143 -16.02 -7.22 -26.23
CA THR B 143 -14.97 -7.83 -27.04
C THR B 143 -14.85 -7.15 -28.40
N GLU B 144 -15.99 -6.91 -29.06
CA GLU B 144 -15.99 -6.40 -30.44
C GLU B 144 -15.36 -5.01 -30.51
N GLU B 145 -15.35 -4.29 -29.38
CA GLU B 145 -14.80 -2.94 -29.35
C GLU B 145 -13.27 -2.94 -29.34
N LEU B 146 -12.64 -4.06 -28.98
CA LEU B 146 -11.18 -4.04 -28.90
C LEU B 146 -10.56 -3.74 -30.26
N SER B 147 -11.28 -4.03 -31.36
CA SER B 147 -10.74 -3.90 -32.70
C SER B 147 -11.01 -2.51 -33.28
N LEU B 148 -11.82 -1.71 -32.58
CA LEU B 148 -12.06 -0.35 -33.07
C LEU B 148 -10.72 0.38 -33.04
N PRO B 149 -10.29 0.99 -34.16
CA PRO B 149 -8.94 1.54 -34.26
C PRO B 149 -8.56 2.54 -33.18
N ASP B 150 -9.50 3.39 -32.74
CA ASP B 150 -9.19 4.40 -31.71
C ASP B 150 -9.20 3.77 -30.32
N ILE B 151 -10.07 2.78 -30.11
CA ILE B 151 -10.01 2.02 -28.87
C ILE B 151 -8.66 1.30 -28.80
N SER B 152 -8.32 0.59 -29.88
CA SER B 152 -7.09 -0.20 -29.92
C SER B 152 -5.87 0.68 -29.69
N ALA B 153 -5.86 1.86 -30.32
CA ALA B 153 -4.71 2.78 -30.24
C ALA B 153 -4.54 3.27 -28.80
N GLU B 154 -5.65 3.51 -28.10
CA GLU B 154 -5.54 4.07 -26.77
C GLU B 154 -5.15 2.97 -25.77
N ILE B 155 -5.65 1.75 -25.97
CA ILE B 155 -5.20 0.65 -25.11
C ILE B 155 -3.67 0.52 -25.18
N ALA B 156 -3.11 0.58 -26.40
CA ALA B 156 -1.68 0.53 -26.60
C ALA B 156 -0.95 1.64 -25.82
N GLU B 157 -1.50 2.88 -25.83
CA GLU B 157 -0.89 3.99 -25.13
C GLU B 157 -0.97 3.76 -23.62
N LYS B 158 -2.16 3.34 -23.15
CA LYS B 158 -2.33 3.06 -21.73
C LYS B 158 -1.37 1.94 -21.32
N MET B 159 -1.23 0.92 -22.17
CA MET B 159 -0.36 -0.20 -21.82
C MET B 159 1.10 0.26 -21.78
N ALA B 160 1.52 1.07 -22.77
CA ALA B 160 2.88 1.61 -22.80
C ALA B 160 3.14 2.39 -21.51
N THR B 161 2.14 3.18 -21.09
CA THR B 161 2.32 4.00 -19.89
C THR B 161 2.51 3.07 -18.70
N PHE B 162 1.53 2.17 -18.48
CA PHE B 162 1.62 1.15 -17.46
C PHE B 162 3.00 0.49 -17.47
N HIS B 163 3.55 0.16 -18.66
CA HIS B 163 4.82 -0.55 -18.76
C HIS B 163 5.99 0.32 -18.33
N GLY B 164 5.84 1.64 -18.41
CA GLY B 164 6.96 2.53 -18.15
C GLY B 164 7.16 2.81 -16.65
N MET B 165 6.18 2.48 -15.82
CA MET B 165 6.33 2.92 -14.45
C MET B 165 7.12 1.94 -13.60
N LYS B 166 7.72 2.51 -12.55
CA LYS B 166 8.52 1.79 -11.58
C LYS B 166 7.64 1.40 -10.41
N MET B 167 7.71 0.13 -10.00
CA MET B 167 6.93 -0.36 -8.89
C MET B 167 7.86 -1.14 -7.97
N PRO B 168 7.61 -1.11 -6.64
CA PRO B 168 8.48 -1.74 -5.65
C PRO B 168 8.36 -3.26 -5.57
N PHE B 169 8.38 -3.92 -6.74
CA PHE B 169 8.15 -5.36 -6.78
C PHE B 169 9.35 -6.03 -7.43
N ASN B 170 9.44 -7.36 -7.29
CA ASN B 170 10.56 -8.15 -7.81
C ASN B 170 10.70 -7.91 -9.32
N LYS B 171 11.85 -7.44 -9.79
CA LYS B 171 12.01 -7.10 -11.20
C LYS B 171 12.48 -8.31 -12.02
N GLU B 172 12.79 -9.44 -11.39
CA GLU B 172 13.13 -10.65 -12.12
C GLU B 172 11.87 -11.25 -12.75
N PRO B 173 11.88 -11.62 -14.06
CA PRO B 173 10.68 -12.12 -14.73
C PRO B 173 10.30 -13.59 -14.48
N LYS B 174 10.11 -13.95 -13.21
CA LYS B 174 9.82 -15.33 -12.86
C LYS B 174 8.30 -15.62 -12.84
N TRP B 175 7.47 -14.57 -12.93
CA TRP B 175 6.01 -14.74 -12.83
C TRP B 175 5.48 -15.71 -13.89
N LEU B 176 5.91 -15.55 -15.14
CA LEU B 176 5.26 -16.27 -16.24
C LEU B 176 5.43 -17.78 -16.07
N PHE B 177 6.68 -18.24 -16.04
CA PHE B 177 6.93 -19.67 -15.96
C PHE B 177 6.74 -20.17 -14.54
N GLY B 178 7.01 -19.33 -13.55
CA GLY B 178 6.64 -19.63 -12.18
C GLY B 178 5.15 -20.02 -12.08
N THR B 179 4.26 -19.20 -12.67
CA THR B 179 2.83 -19.45 -12.57
C THR B 179 2.47 -20.70 -13.35
N MET B 180 3.01 -20.87 -14.57
CA MET B 180 2.64 -22.04 -15.37
C MET B 180 3.08 -23.34 -14.68
N GLU B 181 4.25 -23.33 -14.03
CA GLU B 181 4.76 -24.54 -13.40
C GLU B 181 3.87 -24.91 -12.22
N LYS B 182 3.43 -23.87 -11.51
CA LYS B 182 2.58 -24.02 -10.35
C LYS B 182 1.25 -24.62 -10.77
N TYR B 183 0.64 -24.07 -11.83
CA TYR B 183 -0.64 -24.62 -12.26
C TYR B 183 -0.46 -26.04 -12.84
N LEU B 184 0.60 -26.26 -13.64
CA LEU B 184 0.85 -27.58 -14.20
C LEU B 184 0.93 -28.64 -13.09
N LYS B 185 1.70 -28.33 -12.04
CA LYS B 185 1.83 -29.18 -10.86
C LYS B 185 0.44 -29.53 -10.30
N GLU B 186 -0.43 -28.52 -10.12
CA GLU B 186 -1.77 -28.78 -9.61
C GLU B 186 -2.54 -29.65 -10.61
N VAL B 187 -2.42 -29.31 -11.91
CA VAL B 187 -3.18 -30.00 -12.95
C VAL B 187 -2.88 -31.51 -12.93
N LEU B 188 -1.59 -31.87 -12.77
CA LEU B 188 -1.18 -33.29 -12.84
C LEU B 188 -1.68 -34.08 -11.63
N ARG B 189 -2.12 -33.39 -10.57
CA ARG B 189 -2.59 -34.06 -9.36
C ARG B 189 -4.12 -34.18 -9.37
N ILE B 190 -4.80 -33.57 -10.35
CA ILE B 190 -6.26 -33.47 -10.31
C ILE B 190 -6.86 -34.82 -10.64
N LYS B 191 -7.91 -35.19 -9.91
CA LYS B 191 -8.72 -36.36 -10.19
C LYS B 191 -10.17 -35.87 -10.24
N PHE B 192 -10.85 -36.05 -11.37
CA PHE B 192 -12.28 -35.77 -11.42
C PHE B 192 -13.05 -37.06 -11.12
N THR B 193 -14.29 -36.95 -10.64
CA THR B 193 -15.16 -38.11 -10.44
C THR B 193 -16.17 -38.22 -11.57
N GLU B 194 -16.54 -37.08 -12.17
CA GLU B 194 -17.65 -37.07 -13.11
C GLU B 194 -17.13 -37.32 -14.53
N GLU B 195 -17.83 -38.19 -15.26
CA GLU B 195 -17.41 -38.69 -16.56
C GLU B 195 -16.97 -37.57 -17.53
N SER B 196 -17.84 -36.58 -17.75
CA SER B 196 -17.53 -35.59 -18.78
C SER B 196 -16.23 -34.85 -18.46
N ARG B 197 -16.03 -34.54 -17.17
CA ARG B 197 -14.83 -33.84 -16.75
C ARG B 197 -13.61 -34.75 -16.90
N ILE B 198 -13.75 -36.05 -16.60
CA ILE B 198 -12.65 -37.00 -16.75
C ILE B 198 -12.18 -37.06 -18.20
N LYS B 199 -13.14 -37.13 -19.12
CA LYS B 199 -12.81 -37.26 -20.54
C LYS B 199 -12.11 -35.98 -21.09
N LYS B 200 -12.63 -34.81 -20.74
CA LYS B 200 -12.04 -33.54 -21.16
C LYS B 200 -10.61 -33.45 -20.62
N LEU B 201 -10.42 -33.84 -19.35
CA LEU B 201 -9.09 -33.78 -18.77
C LEU B 201 -8.12 -34.70 -19.50
N HIS B 202 -8.57 -35.93 -19.80
CA HIS B 202 -7.71 -36.90 -20.45
CA HIS B 202 -7.72 -36.90 -20.46
C HIS B 202 -7.29 -36.36 -21.83
N LYS B 203 -8.21 -35.72 -22.54
CA LYS B 203 -7.84 -35.16 -23.84
C LYS B 203 -6.71 -34.14 -23.64
N LEU B 204 -6.88 -33.24 -22.66
CA LEU B 204 -5.87 -32.21 -22.40
C LEU B 204 -4.53 -32.83 -21.93
N LEU B 205 -4.58 -33.84 -21.05
CA LEU B 205 -3.36 -34.45 -20.56
C LEU B 205 -2.63 -35.19 -21.70
N SER B 206 -3.37 -35.64 -22.70
CA SER B 206 -2.79 -36.46 -23.77
C SER B 206 -1.82 -35.65 -24.65
N TYR B 207 -1.87 -34.31 -24.57
CA TYR B 207 -0.91 -33.50 -25.31
C TYR B 207 0.51 -33.61 -24.74
N ASN B 208 0.64 -34.12 -23.50
CA ASN B 208 1.89 -34.15 -22.74
C ASN B 208 2.28 -32.70 -22.37
N LEU B 209 1.53 -32.16 -21.42
CA LEU B 209 1.70 -30.77 -21.04
C LEU B 209 3.11 -30.49 -20.51
N PRO B 210 3.74 -31.37 -19.68
CA PRO B 210 5.11 -31.11 -19.23
C PRO B 210 6.09 -30.95 -20.39
N LEU B 211 6.00 -31.80 -21.40
CA LEU B 211 6.90 -31.66 -22.55
C LEU B 211 6.53 -30.44 -23.42
N GLU B 212 5.23 -30.17 -23.59
CA GLU B 212 4.83 -28.99 -24.34
C GLU B 212 5.33 -27.70 -23.65
N LEU B 213 5.26 -27.64 -22.30
CA LEU B 213 5.77 -26.47 -21.57
C LEU B 213 7.27 -26.26 -21.82
N GLU B 214 8.05 -27.36 -21.84
CA GLU B 214 9.49 -27.26 -22.10
C GLU B 214 9.78 -26.69 -23.50
N ASN B 215 9.01 -27.16 -24.47
CA ASN B 215 8.94 -26.70 -25.84
CA ASN B 215 9.08 -26.67 -25.82
C ASN B 215 8.68 -25.19 -25.87
N LEU B 216 7.67 -24.78 -25.10
CA LEU B 216 7.33 -23.36 -25.07
C LEU B 216 8.47 -22.58 -24.40
N ARG B 217 9.11 -23.16 -23.38
CA ARG B 217 10.17 -22.45 -22.66
C ARG B 217 11.34 -22.17 -23.60
N SER B 218 11.75 -23.23 -24.31
CA SER B 218 12.81 -23.15 -25.30
C SER B 218 12.46 -22.14 -26.40
N LEU B 219 11.23 -22.16 -26.91
CA LEU B 219 10.86 -21.13 -27.87
C LEU B 219 11.00 -19.74 -27.27
N LEU B 220 10.47 -19.52 -26.07
CA LEU B 220 10.49 -18.16 -25.54
C LEU B 220 11.90 -17.76 -25.07
N GLU B 221 12.74 -18.74 -24.69
CA GLU B 221 14.13 -18.49 -24.31
C GLU B 221 14.86 -17.78 -25.45
N SER B 222 14.51 -18.07 -26.69
CA SER B 222 15.22 -17.44 -27.78
C SER B 222 14.41 -16.27 -28.36
N THR B 223 13.48 -15.70 -27.59
CA THR B 223 12.69 -14.58 -28.07
C THR B 223 12.86 -13.41 -27.10
N PRO B 224 13.79 -12.48 -27.39
CA PRO B 224 14.05 -11.37 -26.47
C PRO B 224 12.82 -10.46 -26.30
N SER B 225 12.58 -10.09 -25.03
CA SER B 225 11.46 -9.24 -24.72
C SER B 225 11.78 -8.49 -23.43
N PRO B 226 11.69 -7.14 -23.42
CA PRO B 226 12.01 -6.33 -22.25
C PRO B 226 11.08 -6.68 -21.10
N VAL B 227 11.63 -6.69 -19.89
CA VAL B 227 10.84 -6.92 -18.71
C VAL B 227 10.28 -5.56 -18.26
N VAL B 228 8.97 -5.50 -18.06
CA VAL B 228 8.31 -4.26 -17.70
C VAL B 228 7.22 -4.61 -16.69
N PHE B 229 6.59 -3.56 -16.14
CA PHE B 229 5.52 -3.84 -15.20
C PHE B 229 4.25 -4.09 -16.02
N CYS B 230 3.77 -5.35 -16.02
CA CYS B 230 2.69 -5.77 -16.90
C CYS B 230 1.37 -5.89 -16.14
N HIS B 231 0.27 -5.56 -16.84
CA HIS B 231 -1.06 -5.78 -16.29
C HIS B 231 -1.33 -7.29 -16.14
N ASN B 232 -1.00 -8.05 -17.21
CA ASN B 232 -1.12 -9.50 -17.34
C ASN B 232 -2.55 -9.99 -17.54
N ASP B 233 -3.57 -9.11 -17.62
CA ASP B 233 -4.93 -9.59 -17.79
C ASP B 233 -5.74 -8.51 -18.52
N CYS B 234 -5.10 -7.96 -19.53
CA CYS B 234 -5.70 -6.85 -20.23
C CYS B 234 -6.75 -7.34 -21.22
N GLN B 235 -7.92 -7.72 -20.70
CA GLN B 235 -9.09 -8.10 -21.49
C GLN B 235 -10.11 -6.96 -21.42
N GLU B 236 -11.16 -7.02 -22.27
CA GLU B 236 -12.21 -6.01 -22.33
C GLU B 236 -12.89 -5.80 -20.96
N GLY B 237 -13.09 -6.86 -20.15
CA GLY B 237 -13.73 -6.73 -18.84
C GLY B 237 -12.93 -5.90 -17.84
N ASN B 238 -11.65 -5.61 -18.15
CA ASN B 238 -10.74 -4.89 -17.28
C ASN B 238 -10.40 -3.54 -17.88
N ILE B 239 -11.24 -3.05 -18.80
CA ILE B 239 -11.00 -1.77 -19.43
C ILE B 239 -12.31 -0.98 -19.35
N LEU B 240 -12.24 0.16 -18.67
CA LEU B 240 -13.40 1.00 -18.43
C LEU B 240 -13.49 2.05 -19.53
N LEU B 241 -14.68 2.19 -20.12
CA LEU B 241 -14.97 3.30 -21.01
C LEU B 241 -15.65 4.40 -20.20
N LEU B 242 -14.95 5.53 -20.02
CA LEU B 242 -15.33 6.53 -19.03
C LEU B 242 -16.44 7.41 -19.61
N GLU B 243 -17.53 7.52 -18.85
CA GLU B 243 -18.69 8.33 -19.22
C GLU B 243 -18.26 9.78 -19.41
N GLY B 244 -18.97 10.49 -20.31
CA GLY B 244 -18.76 11.90 -20.55
C GLY B 244 -17.55 12.19 -21.45
N ARG B 245 -16.66 11.19 -21.60
CA ARG B 245 -15.40 11.34 -22.33
C ARG B 245 -15.47 10.53 -23.63
N GLU B 246 -16.61 9.88 -23.86
CA GLU B 246 -16.87 9.15 -25.09
C GLU B 246 -16.90 10.12 -26.28
N ASN B 247 -16.72 11.42 -25.98
CA ASN B 247 -16.37 12.44 -26.96
C ASN B 247 -14.93 12.20 -27.44
N SER B 248 -13.98 12.33 -26.50
CA SER B 248 -12.54 12.27 -26.73
C SER B 248 -12.07 10.96 -27.36
N GLU B 249 -11.10 11.07 -28.28
CA GLU B 249 -10.66 9.98 -29.14
C GLU B 249 -9.42 9.27 -28.60
N LYS B 250 -8.69 9.89 -27.65
CA LYS B 250 -7.44 9.33 -27.13
C LYS B 250 -7.39 9.23 -25.60
N GLN B 251 -8.44 9.71 -24.90
CA GLN B 251 -8.44 9.72 -23.44
C GLN B 251 -9.79 9.31 -22.87
N LYS B 252 -10.31 8.14 -23.27
CA LYS B 252 -11.58 7.73 -22.71
C LYS B 252 -11.50 6.37 -22.02
N LEU B 253 -10.29 5.88 -21.71
CA LEU B 253 -10.18 4.52 -21.18
C LEU B 253 -9.44 4.51 -19.86
N MET B 254 -9.77 3.52 -19.01
CA MET B 254 -8.94 3.22 -17.86
C MET B 254 -8.83 1.70 -17.71
N LEU B 255 -7.59 1.21 -17.50
CA LEU B 255 -7.31 -0.17 -17.15
C LEU B 255 -7.48 -0.34 -15.66
N ILE B 256 -8.21 -1.38 -15.25
CA ILE B 256 -8.41 -1.68 -13.84
C ILE B 256 -8.09 -3.14 -13.57
N ASP B 257 -8.17 -3.51 -12.29
CA ASP B 257 -8.12 -4.87 -11.79
C ASP B 257 -6.73 -5.49 -12.04
N PHE B 258 -5.76 -5.05 -11.26
CA PHE B 258 -4.37 -5.42 -11.39
C PHE B 258 -4.02 -6.62 -10.50
N GLU B 259 -4.98 -7.53 -10.33
CA GLU B 259 -4.79 -8.71 -9.51
C GLU B 259 -3.61 -9.56 -9.95
N TYR B 260 -3.26 -9.59 -11.25
CA TYR B 260 -2.21 -10.50 -11.72
C TYR B 260 -0.94 -9.76 -12.11
N SER B 261 -0.97 -8.44 -11.94
CA SER B 261 0.10 -7.57 -12.41
C SER B 261 1.40 -7.94 -11.72
N SER B 262 2.50 -7.81 -12.48
CA SER B 262 3.85 -8.16 -12.03
C SER B 262 4.85 -7.71 -13.09
N TYR B 263 6.14 -7.71 -12.71
CA TYR B 263 7.17 -7.59 -13.73
C TYR B 263 7.16 -8.86 -14.57
N ASN B 264 7.08 -8.66 -15.90
CA ASN B 264 6.88 -9.75 -16.84
C ASN B 264 7.44 -9.29 -18.20
N TYR B 265 7.62 -10.24 -19.12
CA TYR B 265 7.96 -9.93 -20.51
C TYR B 265 6.83 -9.11 -21.12
N ARG B 266 7.20 -7.96 -21.69
CA ARG B 266 6.26 -7.08 -22.38
C ARG B 266 5.46 -7.87 -23.43
N GLY B 267 6.14 -8.80 -24.11
CA GLY B 267 5.53 -9.64 -25.13
C GLY B 267 4.27 -10.34 -24.60
N PHE B 268 4.34 -10.84 -23.35
CA PHE B 268 3.17 -11.47 -22.77
C PHE B 268 1.97 -10.52 -22.72
N ASP B 269 2.16 -9.30 -22.19
CA ASP B 269 1.06 -8.37 -21.95
C ASP B 269 0.33 -8.11 -23.28
N ILE B 270 1.12 -7.87 -24.34
CA ILE B 270 0.52 -7.47 -25.61
C ILE B 270 -0.08 -8.71 -26.26
N GLY B 271 0.67 -9.81 -26.27
CA GLY B 271 0.15 -11.06 -26.85
C GLY B 271 -1.12 -11.54 -26.14
N ASN B 272 -1.16 -11.43 -24.81
CA ASN B 272 -2.35 -11.77 -24.02
C ASN B 272 -3.53 -10.90 -24.46
N HIS B 273 -3.30 -9.60 -24.64
CA HIS B 273 -4.29 -8.66 -25.15
C HIS B 273 -4.79 -9.09 -26.53
N PHE B 274 -3.87 -9.46 -27.42
CA PHE B 274 -4.28 -9.88 -28.76
C PHE B 274 -5.17 -11.13 -28.66
N CYS B 275 -4.80 -12.13 -27.85
CA CYS B 275 -5.63 -13.33 -27.71
C CYS B 275 -7.05 -12.97 -27.26
N GLU B 276 -7.21 -11.91 -26.46
CA GLU B 276 -8.52 -11.59 -25.90
C GLU B 276 -9.48 -11.04 -26.95
N TRP B 277 -8.97 -10.71 -28.14
CA TRP B 277 -9.90 -10.35 -29.23
C TRP B 277 -10.75 -11.54 -29.61
N MET B 278 -10.29 -12.75 -29.25
CA MET B 278 -10.96 -13.97 -29.74
C MET B 278 -11.99 -14.50 -28.75
N TYR B 279 -11.99 -13.96 -27.52
CA TYR B 279 -12.82 -14.57 -26.47
C TYR B 279 -13.89 -13.58 -26.02
N ASP B 280 -15.14 -14.05 -25.96
CA ASP B 280 -16.23 -13.23 -25.47
C ASP B 280 -16.85 -13.92 -24.27
N TYR B 281 -16.77 -13.28 -23.10
CA TYR B 281 -17.23 -13.86 -21.85
C TYR B 281 -18.66 -13.40 -21.51
N SER B 282 -19.31 -12.72 -22.46
CA SER B 282 -20.64 -12.19 -22.19
C SER B 282 -21.71 -13.20 -22.61
N TYR B 283 -21.28 -14.33 -23.15
CA TYR B 283 -22.21 -15.34 -23.62
C TYR B 283 -22.99 -15.91 -22.42
N GLU B 284 -24.32 -16.11 -22.59
CA GLU B 284 -25.20 -16.36 -21.46
C GLU B 284 -25.64 -17.82 -21.38
N LYS B 285 -25.21 -18.68 -22.30
CA LYS B 285 -25.46 -20.10 -22.16
C LYS B 285 -24.12 -20.81 -21.99
N TYR B 286 -24.15 -22.00 -21.39
CA TYR B 286 -22.99 -22.84 -21.23
C TYR B 286 -22.30 -23.03 -22.59
N PRO B 287 -20.96 -22.92 -22.72
CA PRO B 287 -20.06 -22.77 -21.57
C PRO B 287 -19.77 -21.39 -20.99
N PHE B 288 -20.58 -20.39 -21.36
CA PHE B 288 -20.48 -19.01 -20.88
C PHE B 288 -19.30 -18.24 -21.51
N PHE B 289 -18.79 -18.73 -22.64
CA PHE B 289 -17.87 -17.93 -23.44
C PHE B 289 -18.03 -18.34 -24.90
N ARG B 290 -17.66 -17.46 -25.83
CA ARG B 290 -17.48 -17.85 -27.22
C ARG B 290 -16.02 -17.58 -27.58
N ALA B 291 -15.45 -18.48 -28.38
CA ALA B 291 -14.11 -18.32 -28.92
C ALA B 291 -14.23 -18.21 -30.44
N ASN B 292 -13.48 -17.28 -31.03
CA ASN B 292 -13.52 -17.16 -32.49
C ASN B 292 -12.09 -16.87 -32.98
N ILE B 293 -11.45 -17.90 -33.53
CA ILE B 293 -10.06 -17.84 -33.97
C ILE B 293 -9.88 -16.76 -35.03
N ARG B 294 -10.91 -16.55 -35.85
CA ARG B 294 -10.81 -15.60 -36.95
C ARG B 294 -10.82 -14.15 -36.44
N LYS B 295 -11.15 -13.94 -35.17
CA LYS B 295 -11.17 -12.57 -34.64
C LYS B 295 -9.83 -12.09 -34.08
N TYR B 296 -8.82 -12.99 -34.00
CA TYR B 296 -7.44 -12.59 -33.68
C TYR B 296 -7.03 -11.45 -34.60
N PRO B 297 -6.35 -10.37 -34.12
CA PRO B 297 -6.07 -9.21 -34.99
C PRO B 297 -5.21 -9.62 -36.20
N THR B 298 -5.50 -9.03 -37.36
CA THR B 298 -4.67 -9.29 -38.53
C THR B 298 -3.34 -8.56 -38.34
N LYS B 299 -2.36 -8.84 -39.21
CA LYS B 299 -1.08 -8.18 -39.09
C LYS B 299 -1.23 -6.66 -39.16
N LYS B 300 -2.14 -6.22 -40.02
CA LYS B 300 -2.47 -4.81 -40.16
C LYS B 300 -3.00 -4.20 -38.85
N GLN B 301 -3.92 -4.89 -38.17
CA GLN B 301 -4.45 -4.43 -36.89
C GLN B 301 -3.36 -4.51 -35.80
N GLN B 302 -2.54 -5.57 -35.83
CA GLN B 302 -1.45 -5.68 -34.87
C GLN B 302 -0.48 -4.50 -35.07
N LEU B 303 -0.19 -4.17 -36.34
CA LEU B 303 0.73 -3.07 -36.61
C LEU B 303 0.12 -1.75 -36.14
N HIS B 304 -1.20 -1.60 -36.29
CA HIS B 304 -1.87 -0.38 -35.83
C HIS B 304 -1.65 -0.24 -34.33
N PHE B 305 -1.67 -1.36 -33.61
CA PHE B 305 -1.55 -1.35 -32.17
C PHE B 305 -0.10 -1.04 -31.77
N ILE B 306 0.88 -1.70 -32.39
CA ILE B 306 2.24 -1.45 -31.94
C ILE B 306 2.74 -0.09 -32.44
N SER B 307 2.09 0.47 -33.47
CA SER B 307 2.47 1.78 -34.00
C SER B 307 2.03 2.86 -33.02
N SER B 308 1.00 2.58 -32.24
CA SER B 308 0.63 3.46 -31.15
C SER B 308 1.44 3.16 -29.88
N TYR B 309 1.75 1.89 -29.60
CA TYR B 309 2.50 1.50 -28.42
C TYR B 309 3.93 2.06 -28.44
N LEU B 310 4.61 1.94 -29.58
CA LEU B 310 6.04 2.19 -29.58
C LEU B 310 6.35 3.66 -29.28
N PRO B 311 5.73 4.68 -29.92
CA PRO B 311 6.03 6.07 -29.59
C PRO B 311 5.65 6.43 -28.14
N ALA B 312 4.58 5.81 -27.62
CA ALA B 312 4.14 6.05 -26.25
C ALA B 312 5.13 5.46 -25.25
N PHE B 313 5.94 4.47 -25.65
CA PHE B 313 6.83 3.78 -24.74
C PHE B 313 8.30 4.23 -24.91
N GLN B 314 8.62 4.84 -26.05
CA GLN B 314 10.01 5.11 -26.39
C GLN B 314 10.09 6.48 -27.04
N ASN B 315 10.90 7.34 -26.41
CA ASN B 315 10.82 8.79 -26.51
C ASN B 315 10.91 9.24 -27.97
N ASP B 316 11.96 8.79 -28.65
CA ASP B 316 12.32 9.40 -29.92
C ASP B 316 11.68 8.65 -31.08
N PHE B 317 10.86 7.63 -30.79
CA PHE B 317 10.63 6.55 -31.73
C PHE B 317 10.38 7.08 -33.15
N GLU B 318 9.51 8.09 -33.27
CA GLU B 318 9.08 8.61 -34.58
C GLU B 318 10.28 9.13 -35.38
N ASN B 319 11.42 9.35 -34.70
CA ASN B 319 12.57 10.01 -35.29
C ASN B 319 13.57 9.02 -35.86
N LEU B 320 13.29 7.71 -35.78
CA LEU B 320 14.25 6.77 -36.35
C LEU B 320 14.02 6.67 -37.86
N SER B 321 14.95 6.00 -38.57
CA SER B 321 14.83 5.70 -39.99
C SER B 321 13.64 4.76 -40.21
N THR B 322 13.09 4.79 -41.43
CA THR B 322 12.08 3.81 -41.84
C THR B 322 12.68 2.42 -41.74
N GLU B 323 13.94 2.28 -42.19
CA GLU B 323 14.67 1.03 -42.03
C GLU B 323 14.54 0.55 -40.58
N GLU B 324 14.79 1.44 -39.59
CA GLU B 324 14.93 0.98 -38.21
C GLU B 324 13.55 0.72 -37.58
N LYS B 325 12.58 1.61 -37.85
CA LYS B 325 11.23 1.50 -37.33
C LYS B 325 10.59 0.20 -37.81
N SER B 326 10.72 -0.06 -39.11
CA SER B 326 10.21 -1.26 -39.75
C SER B 326 10.85 -2.51 -39.16
N ILE B 327 12.18 -2.49 -38.95
CA ILE B 327 12.86 -3.59 -38.28
C ILE B 327 12.30 -3.82 -36.87
N ILE B 328 12.02 -2.72 -36.14
CA ILE B 328 11.69 -2.84 -34.75
C ILE B 328 10.32 -3.50 -34.66
N LYS B 329 9.43 -3.02 -35.54
CA LYS B 329 8.05 -3.41 -35.61
C LYS B 329 7.91 -4.87 -36.02
N GLU B 330 8.69 -5.31 -37.02
CA GLU B 330 8.62 -6.70 -37.46
C GLU B 330 9.11 -7.64 -36.36
N GLU B 331 10.20 -7.26 -35.67
CA GLU B 331 10.70 -8.16 -34.64
C GLU B 331 9.68 -8.23 -33.49
N MET B 332 9.00 -7.08 -33.24
CA MET B 332 8.04 -6.98 -32.15
C MET B 332 6.79 -7.82 -32.47
N LEU B 333 6.38 -7.88 -33.74
CA LEU B 333 5.27 -8.77 -34.09
C LEU B 333 5.61 -10.21 -33.76
N LEU B 334 6.83 -10.63 -34.12
CA LEU B 334 7.28 -11.99 -33.86
C LEU B 334 7.29 -12.22 -32.34
N GLU B 335 7.78 -11.22 -31.61
CA GLU B 335 7.86 -11.33 -30.15
C GLU B 335 6.47 -11.55 -29.54
N VAL B 336 5.50 -10.67 -29.87
CA VAL B 336 4.19 -10.69 -29.22
C VAL B 336 3.42 -11.94 -29.65
N ASN B 337 3.64 -12.36 -30.90
CA ASN B 337 2.93 -13.52 -31.41
C ASN B 337 3.46 -14.81 -30.77
N ARG B 338 4.76 -14.88 -30.50
CA ARG B 338 5.29 -16.02 -29.76
C ARG B 338 4.79 -16.03 -28.32
N PHE B 339 4.71 -14.85 -27.68
CA PHE B 339 4.31 -14.79 -26.28
C PHE B 339 2.81 -15.05 -26.16
N ALA B 340 2.07 -14.83 -27.25
CA ALA B 340 0.65 -15.14 -27.22
C ALA B 340 0.47 -16.63 -26.91
N LEU B 341 1.43 -17.47 -27.34
CA LEU B 341 1.35 -18.88 -27.04
C LEU B 341 1.35 -19.09 -25.52
N ALA B 342 2.16 -18.32 -24.78
CA ALA B 342 2.16 -18.41 -23.31
C ALA B 342 0.82 -17.96 -22.71
N SER B 343 0.12 -17.01 -23.37
CA SER B 343 -1.20 -16.63 -22.91
C SER B 343 -2.15 -17.82 -22.94
N HIS B 344 -2.20 -18.50 -24.10
CA HIS B 344 -2.99 -19.71 -24.24
C HIS B 344 -2.60 -20.77 -23.22
N PHE B 345 -1.29 -21.00 -23.01
CA PHE B 345 -0.86 -22.12 -22.17
C PHE B 345 -1.18 -21.84 -20.69
N LEU B 346 -0.89 -20.61 -20.25
CA LEU B 346 -1.11 -20.19 -18.87
C LEU B 346 -2.59 -20.21 -18.49
N TRP B 347 -3.44 -19.57 -19.32
CA TRP B 347 -4.85 -19.49 -19.00
C TRP B 347 -5.53 -20.83 -19.23
N GLY B 348 -5.03 -21.60 -20.20
CA GLY B 348 -5.42 -23.00 -20.31
C GLY B 348 -5.25 -23.78 -19.01
N LEU B 349 -4.03 -23.79 -18.49
CA LEU B 349 -3.75 -24.49 -17.24
C LEU B 349 -4.60 -23.91 -16.11
N TRP B 350 -4.72 -22.57 -16.03
CA TRP B 350 -5.46 -21.91 -14.95
C TRP B 350 -6.90 -22.43 -14.93
N SER B 351 -7.47 -22.61 -16.12
CA SER B 351 -8.86 -22.98 -16.32
C SER B 351 -9.07 -24.42 -15.84
N ILE B 352 -8.05 -25.26 -16.05
CA ILE B 352 -8.17 -26.63 -15.59
C ILE B 352 -8.20 -26.60 -14.07
N VAL B 353 -7.27 -25.86 -13.45
CA VAL B 353 -7.27 -25.71 -12.01
C VAL B 353 -8.65 -25.25 -11.49
N GLN B 354 -9.27 -24.28 -12.17
CA GLN B 354 -10.50 -23.67 -11.68
C GLN B 354 -11.63 -24.69 -11.76
N ALA B 355 -11.53 -25.60 -12.74
CA ALA B 355 -12.54 -26.62 -12.94
C ALA B 355 -12.60 -27.49 -11.68
N LYS B 356 -11.47 -27.60 -10.97
CA LYS B 356 -11.40 -28.46 -9.78
C LYS B 356 -11.94 -27.72 -8.55
N ILE B 357 -11.61 -26.42 -8.43
CA ILE B 357 -11.65 -25.71 -7.15
C ILE B 357 -12.69 -24.59 -7.12
N SER B 358 -13.25 -24.20 -8.30
CA SER B 358 -14.18 -23.07 -8.41
C SER B 358 -15.61 -23.58 -8.54
N SER B 359 -16.56 -22.87 -7.94
CA SER B 359 -17.94 -23.27 -8.18
C SER B 359 -18.68 -22.20 -8.99
N ILE B 360 -17.92 -21.25 -9.57
CA ILE B 360 -18.53 -20.28 -10.48
C ILE B 360 -19.15 -21.02 -11.68
N GLU B 361 -20.29 -20.54 -12.17
CA GLU B 361 -20.91 -21.10 -13.37
C GLU B 361 -20.16 -20.61 -14.62
N PHE B 362 -19.13 -21.37 -14.99
CA PHE B 362 -18.33 -21.12 -16.20
C PHE B 362 -17.84 -22.47 -16.73
N GLY B 363 -17.80 -22.63 -18.06
CA GLY B 363 -17.36 -23.89 -18.63
C GLY B 363 -15.83 -24.00 -18.62
N TYR B 364 -15.22 -24.18 -17.45
CA TYR B 364 -13.76 -24.10 -17.33
C TYR B 364 -13.01 -25.12 -18.18
N MET B 365 -13.50 -26.37 -18.25
CA MET B 365 -12.87 -27.41 -19.04
C MET B 365 -13.02 -27.12 -20.53
N ASP B 366 -14.17 -26.61 -20.96
CA ASP B 366 -14.35 -26.22 -22.35
C ASP B 366 -13.39 -25.09 -22.71
N TYR B 367 -13.24 -24.12 -21.80
CA TYR B 367 -12.38 -22.97 -22.02
C TYR B 367 -10.90 -23.38 -22.11
N ALA B 368 -10.50 -24.32 -21.25
CA ALA B 368 -9.16 -24.89 -21.29
C ALA B 368 -8.91 -25.48 -22.69
N GLN B 369 -9.88 -26.26 -23.18
CA GLN B 369 -9.69 -26.89 -24.48
C GLN B 369 -9.66 -25.83 -25.58
N ALA B 370 -10.49 -24.78 -25.45
CA ALA B 370 -10.45 -23.71 -26.45
C ALA B 370 -9.06 -23.09 -26.50
N ARG B 371 -8.45 -22.83 -25.33
CA ARG B 371 -7.17 -22.15 -25.30
C ARG B 371 -6.10 -23.07 -25.89
N PHE B 372 -6.15 -24.37 -25.59
CA PHE B 372 -5.13 -25.25 -26.13
C PHE B 372 -5.36 -25.45 -27.64
N ASP B 373 -6.61 -25.45 -28.11
CA ASP B 373 -6.87 -25.39 -29.55
C ASP B 373 -6.21 -24.18 -30.22
N ALA B 374 -6.33 -22.99 -29.64
CA ALA B 374 -5.73 -21.77 -30.18
C ALA B 374 -4.19 -21.83 -30.08
N TYR B 375 -3.66 -22.43 -29.00
CA TYR B 375 -2.22 -22.63 -28.86
C TYR B 375 -1.67 -23.43 -30.05
N PHE B 376 -2.30 -24.56 -30.37
CA PHE B 376 -1.74 -25.34 -31.47
C PHE B 376 -1.99 -24.69 -32.83
N HIS B 377 -3.14 -24.03 -32.99
CA HIS B 377 -3.43 -23.31 -34.21
C HIS B 377 -2.38 -22.22 -34.43
N GLN B 378 -2.04 -21.50 -33.35
CA GLN B 378 -1.07 -20.41 -33.45
C GLN B 378 0.32 -20.94 -33.75
N LYS B 379 0.70 -22.07 -33.15
CA LYS B 379 1.99 -22.68 -33.46
C LYS B 379 2.08 -22.97 -34.96
N ARG B 380 0.96 -23.42 -35.54
CA ARG B 380 0.88 -23.73 -36.94
C ARG B 380 0.97 -22.48 -37.81
N LYS B 381 0.34 -21.37 -37.40
CA LYS B 381 0.43 -20.11 -38.13
C LYS B 381 1.89 -19.69 -38.16
N LEU B 382 2.59 -19.83 -37.02
CA LEU B 382 3.96 -19.36 -36.86
C LEU B 382 4.91 -20.33 -37.56
N GLY B 383 4.48 -21.57 -37.81
CA GLY B 383 5.38 -22.58 -38.34
C GLY B 383 6.39 -23.01 -37.28
N VAL B 384 5.94 -23.08 -36.02
CA VAL B 384 6.74 -23.52 -34.89
C VAL B 384 6.02 -24.69 -34.21
#